data_5U6X
#
_entry.id   5U6X
#
_cell.length_a   181.463
_cell.length_b   181.463
_cell.length_c   103.500
_cell.angle_alpha   90.00
_cell.angle_beta   90.00
_cell.angle_gamma   120.00
#
_symmetry.space_group_name_H-M   'P 65'
#
loop_
_entity.id
_entity.type
_entity.pdbx_description
1 polymer 'Prostaglandin G/H synthase 1'
2 branched 2-acetamido-2-deoxy-beta-D-glucopyranose-(1-4)-2-acetamido-2-deoxy-beta-D-glucopyranose
3 branched alpha-D-mannopyranose-(1-6)-alpha-D-mannopyranose-(1-6)-alpha-D-mannopyranose-(1-4)-2-acetamido-2-deoxy-beta-D-glucopyranose-(1-4)-2-acetamido-2-deoxy-beta-D-glucopyranose
4 non-polymer 'PROTOPORPHYRIN IX CONTAINING FE'
5 non-polymer 3-(5-chlorofuran-2-yl)-5-methyl-4-phenyl-1,2-oxazole
6 non-polymer 'octyl beta-D-glucopyranoside'
#
_entity_poly.entity_id   1
_entity_poly.type   'polypeptide(L)'
_entity_poly.pdbx_seq_one_letter_code
;MSRQSISLRFPLLLLLLSPSPVFSADPGAPAPVNPCCYYPCQHQGICVRFGLDRYQCDCTRTGYSGPNCTIPEIWTWLRT
TLRPSPSFIHFLLTHGRWLWDFVNATFIRDTLMRLVLTVRSNLIPSPPTYNIAHDYISWESFSNVSYYTRILPSVPRDCP
TPMDTKGKKQLPDAEFLSRRFLLRRKFIPDPQSTNLMFAFFAQHFTHQFFKTSGKMGPGFTKALGHGVDLGHIYGDNLER
QYQLRLFKDGKLKYQMLNGEVYPPSVEEAPVLMHYPRGIPPQSQMAVGQEVFGLLPGLMLYATIWLREHNRVCDLLKAEH
PTWGDEQLFQTARLILIGETIKIVIEEYVQQLSGYFLQLKFDPELLFGAQFQYRNRIAMEFNQLYHWHPLMPDSFRVGPQ
DYSYEQFLFNTSMLVDYGVEALVDAFSRQPAGRIGGGRNIDHHILHVAVDVIKESRVLRLQPFNEYRKRFGMKPYTSFQE
LTGEKEMAAELEELYGDIDALEFYPGLLLEKCHPNSIFGESMIEMGAPFSLKGLLGNPICSPEYWKASTFGGEVGFNLVK
TATLKKLVCLNTKTCPYVSFHVPDPRQEDRPGVERPPTEL
;
_entity_poly.pdbx_strand_id   A,B
#
# COMPACT_ATOMS: atom_id res chain seq x y z
N PRO A 32 35.59 17.48 8.08
CA PRO A 32 34.91 18.36 7.12
C PRO A 32 33.43 18.49 7.43
N VAL A 33 32.94 19.74 7.48
CA VAL A 33 31.55 19.98 7.83
C VAL A 33 30.67 19.29 6.79
N ASN A 34 29.67 18.55 7.26
CA ASN A 34 28.75 17.88 6.34
C ASN A 34 27.93 18.90 5.56
N PRO A 35 28.08 18.97 4.23
CA PRO A 35 27.40 20.03 3.47
C PRO A 35 25.89 20.01 3.62
N CYS A 36 25.29 18.84 3.85
CA CYS A 36 23.83 18.78 3.91
C CYS A 36 23.24 19.38 5.18
N CYS A 37 24.06 19.92 6.08
CA CYS A 37 23.51 20.61 7.25
C CYS A 37 23.29 22.09 7.03
N TYR A 38 23.89 22.66 5.98
CA TYR A 38 23.51 24.01 5.57
C TYR A 38 22.12 24.04 4.93
N TYR A 39 21.54 22.87 4.64
CA TYR A 39 20.25 22.69 3.98
C TYR A 39 20.28 23.36 2.62
N PRO A 40 21.30 23.07 1.81
CA PRO A 40 21.49 23.82 0.55
C PRO A 40 20.33 23.66 -0.39
N CYS A 41 19.69 22.50 -0.39
CA CYS A 41 18.68 22.20 -1.39
C CYS A 41 17.39 22.93 -1.02
N GLN A 42 16.89 23.72 -1.96
CA GLN A 42 15.65 24.47 -1.81
C GLN A 42 14.53 23.78 -2.59
N HIS A 43 13.31 23.94 -2.10
CA HIS A 43 12.10 23.55 -2.83
C HIS A 43 12.05 22.05 -3.09
N GLN A 44 12.28 21.27 -2.03
CA GLN A 44 12.18 19.81 -2.04
C GLN A 44 13.32 19.14 -2.79
N GLY A 45 14.37 19.88 -3.14
CA GLY A 45 15.53 19.25 -3.72
C GLY A 45 16.21 18.34 -2.71
N ILE A 46 16.72 17.22 -3.20
CA ILE A 46 17.28 16.19 -2.33
C ILE A 46 18.79 16.40 -2.19
N CYS A 47 19.26 16.65 -0.98
CA CYS A 47 20.68 16.81 -0.75
C CYS A 47 21.34 15.43 -0.74
N VAL A 48 22.36 15.25 -1.57
CA VAL A 48 23.11 13.99 -1.65
C VAL A 48 24.59 14.28 -1.54
N ARG A 49 25.32 13.43 -0.84
CA ARG A 49 26.72 13.69 -0.55
C ARG A 49 27.61 12.96 -1.54
N PHE A 50 28.58 13.68 -2.08
CA PHE A 50 29.51 13.13 -3.06
C PHE A 50 30.93 13.38 -2.60
N GLY A 51 31.81 12.44 -2.91
CA GLY A 51 33.18 12.57 -2.49
C GLY A 51 33.26 12.63 -0.98
N LEU A 52 34.20 13.44 -0.50
CA LEU A 52 34.39 13.64 0.93
C LEU A 52 33.72 14.89 1.46
N ASP A 53 33.63 15.95 0.65
CA ASP A 53 33.08 17.21 1.13
C ASP A 53 32.16 17.88 0.12
N ARG A 54 31.65 17.15 -0.86
CA ARG A 54 30.83 17.75 -1.89
C ARG A 54 29.38 17.33 -1.73
N TYR A 55 28.49 18.05 -2.42
CA TYR A 55 27.08 17.71 -2.39
C TYR A 55 26.45 18.08 -3.71
N GLN A 56 25.33 17.44 -4.01
CA GLN A 56 24.54 17.73 -5.20
C GLN A 56 23.08 17.68 -4.81
N CYS A 57 22.33 18.67 -5.31
CA CYS A 57 20.90 18.71 -5.10
C CYS A 57 20.21 18.03 -6.27
N ASP A 58 19.35 17.05 -5.96
CA ASP A 58 18.47 16.46 -6.95
C ASP A 58 17.23 17.33 -7.05
N CYS A 59 17.11 18.07 -8.16
CA CYS A 59 16.02 18.99 -8.40
C CYS A 59 14.97 18.44 -9.36
N THR A 60 14.81 17.11 -9.40
CA THR A 60 14.26 16.47 -10.59
C THR A 60 12.90 17.03 -10.99
N ARG A 61 11.92 16.90 -10.14
CA ARG A 61 10.63 17.47 -10.47
C ARG A 61 10.24 18.54 -9.47
N THR A 62 11.24 19.17 -8.87
CA THR A 62 11.00 20.29 -7.97
C THR A 62 10.49 21.51 -8.71
N GLY A 63 10.47 21.47 -10.04
CA GLY A 63 10.06 22.63 -10.79
C GLY A 63 11.10 23.71 -10.89
N TYR A 64 12.26 23.53 -10.25
CA TYR A 64 13.35 24.49 -10.26
C TYR A 64 14.61 23.82 -10.77
N SER A 65 15.60 24.66 -11.09
CA SER A 65 16.89 24.26 -11.64
C SER A 65 18.00 24.88 -10.80
N GLY A 66 19.24 24.65 -11.22
CA GLY A 66 20.37 25.22 -10.54
C GLY A 66 21.00 24.25 -9.56
N PRO A 67 22.19 24.59 -9.07
CA PRO A 67 22.85 23.70 -8.11
C PRO A 67 22.15 23.58 -6.76
N ASN A 68 21.39 24.58 -6.32
CA ASN A 68 20.63 24.47 -5.08
C ASN A 68 19.13 24.28 -5.33
N CYS A 69 18.69 24.17 -6.59
CA CYS A 69 17.26 24.12 -6.93
C CYS A 69 16.59 25.49 -6.76
N THR A 70 17.27 26.57 -7.15
CA THR A 70 16.77 27.93 -6.95
C THR A 70 16.37 28.65 -8.22
N ILE A 71 16.75 28.14 -9.38
CA ILE A 71 16.42 28.74 -10.69
C ILE A 71 15.04 28.27 -11.13
N PRO A 72 14.05 29.16 -11.20
CA PRO A 72 12.68 28.70 -11.49
C PRO A 72 12.45 28.43 -12.96
N GLU A 73 11.71 27.35 -13.24
CA GLU A 73 11.19 27.13 -14.58
C GLU A 73 10.11 28.16 -14.90
N ILE A 74 9.80 28.28 -16.18
CA ILE A 74 8.93 29.37 -16.63
C ILE A 74 7.56 29.26 -15.97
N TRP A 75 6.99 28.05 -15.93
CA TRP A 75 5.65 27.89 -15.35
C TRP A 75 5.68 28.09 -13.85
N THR A 76 6.69 27.53 -13.17
CA THR A 76 6.76 27.70 -11.73
C THR A 76 6.97 29.17 -11.36
N TRP A 77 7.74 29.90 -12.17
CA TRP A 77 7.86 31.34 -11.98
C TRP A 77 6.50 32.01 -12.10
N LEU A 78 5.76 31.69 -13.16
CA LEU A 78 4.44 32.26 -13.35
C LEU A 78 3.51 31.92 -12.18
N ARG A 79 3.70 30.75 -11.56
CA ARG A 79 2.82 30.40 -10.45
C ARG A 79 3.21 31.14 -9.17
N THR A 80 4.50 31.28 -8.89
CA THR A 80 4.90 31.96 -7.66
C THR A 80 4.62 33.46 -7.73
N THR A 81 4.69 34.06 -8.93
CA THR A 81 4.35 35.48 -9.05
C THR A 81 2.85 35.72 -8.95
N LEU A 82 2.03 34.70 -9.17
CA LEU A 82 0.59 34.82 -9.05
C LEU A 82 0.03 34.20 -7.76
N ARG A 83 0.89 33.56 -6.95
CA ARG A 83 0.45 32.80 -5.77
C ARG A 83 0.17 33.73 -4.59
N PRO A 84 -1.09 33.86 -4.16
CA PRO A 84 -1.40 34.71 -3.00
C PRO A 84 -0.77 34.21 -1.70
N SER A 85 -0.73 35.12 -0.73
CA SER A 85 -0.24 34.80 0.59
C SER A 85 -1.14 33.75 1.24
N PRO A 86 -0.58 32.81 2.02
CA PRO A 86 -1.44 31.86 2.72
C PRO A 86 -2.43 32.54 3.63
N SER A 87 -1.97 33.58 4.34
CA SER A 87 -2.84 34.34 5.21
C SER A 87 -3.90 35.13 4.43
N PHE A 88 -3.61 35.50 3.17
CA PHE A 88 -4.60 36.19 2.35
C PHE A 88 -5.74 35.24 1.96
N ILE A 89 -5.39 34.04 1.50
CA ILE A 89 -6.41 33.04 1.22
C ILE A 89 -7.15 32.64 2.48
N HIS A 90 -6.46 32.63 3.63
CA HIS A 90 -7.20 32.45 4.89
C HIS A 90 -8.19 33.59 5.07
N PHE A 91 -7.80 34.80 4.68
CA PHE A 91 -8.72 35.92 4.74
C PHE A 91 -9.94 35.68 3.86
N LEU A 92 -9.71 35.21 2.62
CA LEU A 92 -10.82 35.00 1.71
C LEU A 92 -11.78 33.95 2.27
N LEU A 93 -11.23 32.84 2.76
CA LEU A 93 -12.08 31.76 3.25
C LEU A 93 -12.82 32.14 4.52
N THR A 94 -12.35 33.12 5.28
CA THR A 94 -12.96 33.49 6.56
C THR A 94 -13.74 34.80 6.51
N HIS A 95 -14.01 35.34 5.31
CA HIS A 95 -14.75 36.59 5.19
C HIS A 95 -15.73 36.49 4.03
N GLY A 96 -16.70 37.41 4.01
CA GLY A 96 -17.62 37.54 2.91
C GLY A 96 -18.74 36.52 2.85
N ARG A 97 -19.56 36.48 3.89
CA ARG A 97 -20.60 35.45 4.00
C ARG A 97 -21.50 35.43 2.76
N TRP A 98 -21.72 36.59 2.11
CA TRP A 98 -22.61 36.63 0.95
C TRP A 98 -22.03 35.87 -0.25
N LEU A 99 -20.80 36.23 -0.64
CA LEU A 99 -20.10 35.52 -1.69
C LEU A 99 -20.08 34.01 -1.44
N TRP A 100 -19.82 33.60 -0.20
CA TRP A 100 -19.76 32.17 0.07
C TRP A 100 -21.13 31.51 0.14
N ASP A 101 -22.20 32.26 0.44
CA ASP A 101 -23.54 31.72 0.25
C ASP A 101 -23.75 31.36 -1.21
N PHE A 102 -23.33 32.25 -2.11
CA PHE A 102 -23.41 31.93 -3.52
C PHE A 102 -22.55 30.72 -3.86
N VAL A 103 -21.27 30.72 -3.44
CA VAL A 103 -20.36 29.63 -3.82
C VAL A 103 -20.90 28.29 -3.32
N ASN A 104 -21.34 28.25 -2.06
CA ASN A 104 -21.85 27.01 -1.51
C ASN A 104 -23.09 26.53 -2.23
N ALA A 105 -23.93 27.45 -2.71
CA ALA A 105 -25.15 27.06 -3.40
C ALA A 105 -24.93 26.63 -4.85
N THR A 106 -23.71 26.73 -5.38
CA THR A 106 -23.48 26.41 -6.78
C THR A 106 -22.45 25.29 -6.90
N PHE A 107 -22.03 25.04 -8.14
CA PHE A 107 -21.07 23.98 -8.39
C PHE A 107 -19.66 24.38 -7.98
N ILE A 108 -19.38 25.69 -7.87
CA ILE A 108 -18.04 26.07 -7.44
C ILE A 108 -17.73 25.48 -6.07
N ARG A 109 -18.76 25.31 -5.23
CA ARG A 109 -18.55 24.66 -3.94
C ARG A 109 -17.82 23.33 -4.10
N ASP A 110 -18.06 22.63 -5.20
CA ASP A 110 -17.32 21.40 -5.48
C ASP A 110 -15.92 21.69 -6.03
N THR A 111 -15.81 22.54 -7.05
CA THR A 111 -14.51 22.75 -7.66
C THR A 111 -13.48 23.21 -6.63
N LEU A 112 -13.84 24.21 -5.82
CA LEU A 112 -12.96 24.63 -4.73
C LEU A 112 -12.58 23.46 -3.84
N MET A 113 -13.57 22.66 -3.42
CA MET A 113 -13.24 21.49 -2.61
C MET A 113 -12.20 20.62 -3.32
N ARG A 114 -12.44 20.32 -4.61
CA ARG A 114 -11.49 19.48 -5.34
C ARG A 114 -10.12 20.14 -5.36
N LEU A 115 -10.08 21.46 -5.42
CA LEU A 115 -8.80 22.16 -5.38
C LEU A 115 -8.15 21.97 -4.03
N VAL A 116 -8.90 22.22 -2.95
CA VAL A 116 -8.39 22.04 -1.58
C VAL A 116 -7.75 20.66 -1.42
N LEU A 117 -8.53 19.61 -1.73
CA LEU A 117 -8.04 18.25 -1.59
C LEU A 117 -6.75 18.06 -2.38
N THR A 118 -6.71 18.59 -3.61
CA THR A 118 -5.61 18.26 -4.50
C THR A 118 -4.34 19.01 -4.13
N VAL A 119 -4.45 20.32 -3.94
CA VAL A 119 -3.26 21.13 -3.67
C VAL A 119 -2.65 20.74 -2.33
N ARG A 120 -3.49 20.44 -1.33
CA ARG A 120 -2.97 20.01 -0.02
C ARG A 120 -2.27 18.66 -0.11
N SER A 121 -3.00 17.63 -0.56
CA SER A 121 -2.49 16.27 -0.58
C SER A 121 -1.20 16.14 -1.37
N ASN A 122 -0.96 17.03 -2.34
CA ASN A 122 0.24 16.96 -3.17
C ASN A 122 1.52 17.25 -2.38
N LEU A 123 1.41 17.96 -1.24
CA LEU A 123 2.61 18.28 -0.48
C LEU A 123 3.20 17.04 0.18
N ILE A 124 2.42 15.98 0.31
CA ILE A 124 2.86 14.81 1.04
C ILE A 124 3.36 13.74 0.08
N PRO A 125 4.47 13.07 0.40
CA PRO A 125 5.02 12.07 -0.52
C PRO A 125 4.17 10.80 -0.55
N SER A 126 3.94 10.30 -1.75
CA SER A 126 3.19 9.06 -1.88
C SER A 126 3.68 8.30 -3.10
N PRO A 127 4.35 7.14 -2.92
CA PRO A 127 4.53 6.44 -1.65
C PRO A 127 5.43 7.16 -0.64
N PRO A 128 5.47 6.66 0.60
CA PRO A 128 6.27 7.33 1.64
C PRO A 128 7.74 7.33 1.28
N THR A 129 8.49 8.21 1.97
CA THR A 129 9.90 8.38 1.66
C THR A 129 10.85 7.97 2.78
N TYR A 130 10.76 8.58 3.96
CA TYR A 130 11.81 8.49 4.97
C TYR A 130 11.26 7.86 6.26
N ASN A 131 12.16 7.56 7.21
CA ASN A 131 11.78 7.07 8.53
C ASN A 131 12.91 7.33 9.53
N ILE A 132 12.67 6.97 10.79
CA ILE A 132 13.63 7.28 11.85
C ILE A 132 15.02 6.73 11.52
N ALA A 133 15.09 5.66 10.73
CA ALA A 133 16.35 5.00 10.43
C ALA A 133 16.98 5.37 9.09
N HIS A 134 16.22 5.87 8.12
CA HIS A 134 16.78 6.12 6.78
C HIS A 134 16.45 7.54 6.33
N ASP A 135 17.48 8.35 6.13
CA ASP A 135 17.31 9.67 5.52
C ASP A 135 17.48 9.57 4.01
N TYR A 136 16.75 8.66 3.38
CA TYR A 136 16.85 8.41 1.94
C TYR A 136 15.84 7.35 1.54
N ILE A 137 15.48 7.37 0.25
CA ILE A 137 14.49 6.43 -0.25
C ILE A 137 15.08 5.03 -0.23
N SER A 138 14.34 4.07 0.33
CA SER A 138 14.85 2.72 0.47
C SER A 138 13.70 1.74 0.39
N TRP A 139 14.01 0.50 0.03
CA TRP A 139 12.96 -0.50 0.03
C TRP A 139 12.49 -0.79 1.45
N GLU A 140 13.38 -0.68 2.44
CA GLU A 140 12.99 -0.99 3.81
C GLU A 140 11.99 0.03 4.33
N SER A 141 12.29 1.32 4.12
CA SER A 141 11.35 2.36 4.54
C SER A 141 10.00 2.19 3.86
N PHE A 142 9.99 1.62 2.65
CA PHE A 142 8.73 1.34 1.97
C PHE A 142 7.99 0.16 2.58
N SER A 143 8.72 -0.92 2.94
CA SER A 143 8.10 -2.19 3.32
C SER A 143 7.64 -2.17 4.78
N ASN A 144 8.57 -1.89 5.67
CA ASN A 144 8.38 -2.05 7.10
C ASN A 144 7.44 -0.99 7.64
N VAL A 145 6.15 -1.35 7.74
CA VAL A 145 5.13 -0.36 8.11
C VAL A 145 5.10 -0.05 9.59
N SER A 146 5.96 -0.65 10.41
CA SER A 146 5.96 -0.28 11.83
C SER A 146 6.71 1.01 12.10
N TYR A 147 7.50 1.51 11.14
CA TYR A 147 8.08 2.85 11.23
C TYR A 147 7.01 3.91 11.02
N TYR A 148 7.16 5.04 11.71
CA TYR A 148 6.55 6.25 11.22
C TYR A 148 7.39 6.74 10.06
N THR A 149 6.74 7.34 9.07
CA THR A 149 7.47 7.90 7.93
C THR A 149 8.00 9.28 8.31
N ARG A 150 8.48 10.03 7.32
CA ARG A 150 9.15 11.29 7.64
C ARG A 150 9.07 12.21 6.43
N ILE A 151 8.68 13.47 6.67
CA ILE A 151 8.57 14.43 5.57
C ILE A 151 9.92 15.04 5.25
N LEU A 152 10.61 15.57 6.26
CA LEU A 152 11.95 16.08 6.04
C LEU A 152 12.98 15.14 6.66
N PRO A 153 14.16 15.01 6.06
CA PRO A 153 15.16 14.07 6.61
C PRO A 153 15.66 14.50 7.99
N SER A 154 16.56 13.71 8.56
CA SER A 154 17.12 14.02 9.87
C SER A 154 18.15 15.13 9.76
N VAL A 155 18.55 15.64 10.92
CA VAL A 155 19.71 16.53 10.97
C VAL A 155 20.94 15.62 11.02
N PRO A 156 21.84 15.70 10.05
CA PRO A 156 23.02 14.83 10.08
C PRO A 156 23.79 14.98 11.39
N ARG A 157 24.18 13.83 11.96
CA ARG A 157 24.81 13.82 13.28
C ARG A 157 26.20 14.45 13.26
N ASP A 158 26.87 14.41 12.11
CA ASP A 158 28.18 15.00 11.96
C ASP A 158 28.09 16.50 11.69
N CYS A 159 27.39 17.23 12.55
CA CYS A 159 27.25 18.67 12.38
C CYS A 159 27.26 19.37 13.73
N PRO A 160 27.80 20.58 13.77
CA PRO A 160 28.09 21.22 15.06
C PRO A 160 26.85 21.43 15.90
N THR A 161 25.89 22.13 15.33
CA THR A 161 24.65 22.44 16.02
C THR A 161 23.72 21.22 15.98
N PRO A 162 22.96 20.98 17.04
CA PRO A 162 21.93 19.93 16.99
C PRO A 162 20.79 20.25 16.04
N MET A 163 20.67 21.50 15.57
CA MET A 163 19.67 21.88 14.59
C MET A 163 20.31 22.21 13.24
N ASP A 164 21.46 21.61 12.94
CA ASP A 164 22.18 21.95 11.72
C ASP A 164 23.43 22.74 12.03
N THR A 165 23.41 24.05 11.75
CA THR A 165 24.57 24.91 11.97
C THR A 165 24.25 26.19 12.72
N LYS A 166 23.00 26.58 12.82
CA LYS A 166 22.62 27.81 13.49
C LYS A 166 22.09 27.51 14.89
N GLY A 167 22.42 28.37 15.85
CA GLY A 167 21.94 28.22 17.20
C GLY A 167 23.06 27.89 18.17
N LYS A 168 22.66 27.50 19.38
CA LYS A 168 23.63 27.14 20.41
C LYS A 168 24.13 25.72 20.17
N LYS A 169 25.29 25.41 20.76
CA LYS A 169 25.81 24.05 20.62
C LYS A 169 25.03 23.07 21.50
N GLN A 170 24.31 23.58 22.50
CA GLN A 170 23.27 22.84 23.22
C GLN A 170 22.07 23.76 23.38
N LEU A 171 20.90 23.30 22.99
CA LEU A 171 19.73 24.15 22.88
C LEU A 171 18.85 24.05 24.12
N PRO A 172 17.83 24.92 24.22
CA PRO A 172 17.23 25.22 25.52
C PRO A 172 16.67 24.00 26.24
N ASP A 173 16.55 24.13 27.56
CA ASP A 173 15.96 23.10 28.39
C ASP A 173 14.54 22.82 27.93
N ALA A 174 14.09 21.58 28.14
CA ALA A 174 12.78 21.18 27.65
C ALA A 174 11.66 21.61 28.59
N GLU A 175 11.82 21.39 29.88
CA GLU A 175 10.76 21.75 30.80
C GLU A 175 10.81 23.22 31.20
N PHE A 176 11.91 23.93 30.91
CA PHE A 176 11.88 25.39 31.08
C PHE A 176 11.07 26.04 29.97
N LEU A 177 11.32 25.65 28.71
CA LEU A 177 10.42 26.04 27.63
C LEU A 177 8.99 25.69 27.98
N SER A 178 8.75 24.41 28.30
CA SER A 178 7.39 23.96 28.55
C SER A 178 6.76 24.72 29.71
N ARG A 179 7.55 25.04 30.74
CA ARG A 179 6.96 25.65 31.93
C ARG A 179 6.73 27.14 31.76
N ARG A 180 7.65 27.85 31.10
CA ARG A 180 7.58 29.30 30.99
C ARG A 180 6.87 29.78 29.73
N PHE A 181 6.67 28.90 28.77
CA PHE A 181 6.10 29.26 27.48
C PHE A 181 4.82 28.51 27.13
N LEU A 182 4.62 27.31 27.66
CA LEU A 182 3.43 26.53 27.41
C LEU A 182 2.51 26.36 28.61
N LEU A 183 2.98 26.67 29.83
CA LEU A 183 2.18 26.41 31.01
C LEU A 183 1.00 27.39 31.09
N ARG A 184 -0.19 26.84 31.32
CA ARG A 184 -1.39 27.67 31.39
C ARG A 184 -1.34 28.48 32.66
N ARG A 185 -1.22 29.80 32.51
CA ARG A 185 -1.34 30.67 33.67
C ARG A 185 -2.82 30.91 33.98
N LYS A 186 -3.57 31.41 33.01
CA LYS A 186 -5.02 31.49 33.11
C LYS A 186 -5.64 30.83 31.89
N PHE A 187 -6.86 30.31 32.05
CA PHE A 187 -7.51 29.64 30.94
C PHE A 187 -7.82 30.62 29.82
N ILE A 188 -7.38 30.29 28.61
CA ILE A 188 -7.69 31.04 27.40
C ILE A 188 -8.64 30.21 26.54
N PRO A 189 -9.94 30.48 26.54
CA PRO A 189 -10.87 29.64 25.76
C PRO A 189 -10.71 29.84 24.26
N ASP A 190 -11.09 28.80 23.52
CA ASP A 190 -11.05 28.84 22.07
C ASP A 190 -11.93 29.96 21.54
N PRO A 191 -11.36 30.93 20.82
CA PRO A 191 -12.19 32.02 20.28
C PRO A 191 -13.25 31.55 19.31
N GLN A 192 -13.19 30.30 18.89
CA GLN A 192 -13.89 29.79 17.71
C GLN A 192 -15.03 28.85 18.08
N SER A 193 -15.33 28.70 19.35
CA SER A 193 -16.47 27.93 19.81
C SER A 193 -16.21 26.48 20.16
N THR A 194 -14.98 26.01 20.01
CA THR A 194 -14.71 24.59 20.16
C THR A 194 -14.98 24.15 21.60
N ASN A 195 -15.59 22.96 21.75
CA ASN A 195 -16.01 22.44 23.05
C ASN A 195 -15.27 21.15 23.36
N LEU A 196 -15.57 20.57 24.52
CA LEU A 196 -14.88 19.33 24.89
C LEU A 196 -15.41 18.15 24.10
N MET A 197 -16.70 18.16 23.75
CA MET A 197 -17.22 17.10 22.88
C MET A 197 -16.41 17.01 21.59
N PHE A 198 -15.79 18.12 21.18
CA PHE A 198 -14.84 18.09 20.08
C PHE A 198 -13.50 17.49 20.51
N ALA A 199 -12.88 18.05 21.55
CA ALA A 199 -11.52 17.67 21.91
C ALA A 199 -11.42 16.17 22.16
N PHE A 200 -12.37 15.62 22.92
CA PHE A 200 -12.42 14.17 23.11
C PHE A 200 -12.54 13.45 21.77
N PHE A 201 -13.35 13.98 20.85
CA PHE A 201 -13.43 13.36 19.53
C PHE A 201 -12.06 13.36 18.85
N ALA A 202 -11.29 14.44 19.02
CA ALA A 202 -9.98 14.53 18.40
C ALA A 202 -9.02 13.51 19.00
N GLN A 203 -9.09 13.33 20.31
CA GLN A 203 -8.23 12.35 20.95
C GLN A 203 -8.59 10.93 20.50
N HIS A 204 -9.85 10.55 20.72
CA HIS A 204 -10.35 9.23 20.34
C HIS A 204 -10.05 8.94 18.88
N PHE A 205 -10.51 9.83 17.99
CA PHE A 205 -10.29 9.66 16.55
C PHE A 205 -8.80 9.52 16.24
N THR A 206 -7.95 10.29 16.92
CA THR A 206 -6.54 10.39 16.58
C THR A 206 -5.74 9.18 17.02
N HIS A 207 -6.13 8.56 18.13
CA HIS A 207 -5.36 7.44 18.66
C HIS A 207 -5.63 6.14 17.93
N GLN A 208 -6.38 6.18 16.82
CA GLN A 208 -6.46 4.99 15.97
C GLN A 208 -5.26 4.85 15.06
N PHE A 209 -4.52 5.94 14.83
CA PHE A 209 -3.34 5.90 13.97
C PHE A 209 -2.09 6.50 14.60
N PHE A 210 -2.18 6.96 15.85
CA PHE A 210 -1.01 7.36 16.65
C PHE A 210 -0.90 6.37 17.81
N LYS A 211 0.00 5.40 17.69
CA LYS A 211 0.23 4.38 18.71
C LYS A 211 1.73 4.12 18.90
N THR A 212 2.48 5.19 19.14
CA THR A 212 3.91 5.05 19.37
C THR A 212 4.15 4.00 20.45
N SER A 213 5.03 3.03 20.16
CA SER A 213 5.31 1.92 21.08
C SER A 213 6.56 2.22 21.88
N GLY A 214 6.39 2.38 23.20
CA GLY A 214 7.57 2.56 24.04
C GLY A 214 8.52 1.40 24.00
N LYS A 215 8.04 0.21 23.61
CA LYS A 215 8.90 -0.96 23.56
C LYS A 215 9.89 -0.88 22.40
N MET A 216 9.43 -0.51 21.21
CA MET A 216 10.34 -0.37 20.08
C MET A 216 11.03 0.99 20.05
N GLY A 217 10.42 2.01 20.65
CA GLY A 217 11.07 3.28 20.80
C GLY A 217 10.36 4.40 20.06
N PRO A 218 11.05 5.50 19.84
CA PRO A 218 10.43 6.61 19.12
C PRO A 218 10.39 6.33 17.63
N GLY A 219 9.39 6.92 16.97
CA GLY A 219 9.21 6.73 15.55
C GLY A 219 8.78 5.34 15.13
N PHE A 220 8.00 4.64 15.97
CA PHE A 220 7.49 3.31 15.68
C PHE A 220 6.05 3.20 16.17
N THR A 221 5.23 2.47 15.41
CA THR A 221 3.79 2.45 15.64
C THR A 221 3.32 1.03 15.86
N LYS A 222 2.28 0.90 16.69
CA LYS A 222 1.52 -0.33 16.79
C LYS A 222 0.30 -0.33 15.86
N ALA A 223 -0.12 0.84 15.38
CA ALA A 223 -1.28 0.99 14.49
C ALA A 223 -0.78 0.96 13.05
N LEU A 224 -0.80 -0.23 12.47
CA LEU A 224 -0.25 -0.44 11.15
C LEU A 224 -1.20 -0.03 10.04
N GLY A 225 -2.45 0.29 10.37
CA GLY A 225 -3.37 0.81 9.37
C GLY A 225 -2.96 2.16 8.83
N HIS A 226 -2.34 2.99 9.66
CA HIS A 226 -1.83 4.30 9.25
C HIS A 226 -2.94 5.25 8.79
N GLY A 227 -4.18 4.97 9.13
CA GLY A 227 -5.28 5.80 8.71
C GLY A 227 -6.55 5.56 9.50
N VAL A 228 -7.68 5.81 8.85
CA VAL A 228 -8.99 5.62 9.49
C VAL A 228 -9.41 4.19 9.17
N ASP A 229 -8.82 3.25 9.91
CA ASP A 229 -9.19 1.85 9.84
C ASP A 229 -10.05 1.44 11.01
N LEU A 230 -10.26 2.34 11.96
CA LEU A 230 -10.98 2.05 13.19
C LEU A 230 -10.26 0.96 14.00
N GLY A 231 -8.93 0.90 13.86
CA GLY A 231 -8.11 0.07 14.73
C GLY A 231 -8.22 0.43 16.19
N HIS A 232 -8.75 1.61 16.51
CA HIS A 232 -9.04 1.98 17.88
C HIS A 232 -10.40 1.47 18.35
N ILE A 233 -11.15 0.81 17.48
CA ILE A 233 -12.45 0.22 17.81
C ILE A 233 -12.37 -1.29 17.68
N TYR A 234 -11.56 -1.77 16.75
CA TYR A 234 -11.49 -3.18 16.44
C TYR A 234 -10.16 -3.83 16.77
N GLY A 235 -9.11 -3.06 17.00
CA GLY A 235 -7.85 -3.58 17.51
C GLY A 235 -6.72 -3.51 16.49
N ASP A 236 -5.50 -3.52 17.02
CA ASP A 236 -4.29 -3.53 16.22
C ASP A 236 -4.11 -4.85 15.48
N ASN A 237 -4.81 -5.90 15.88
CA ASN A 237 -4.56 -7.22 15.33
C ASN A 237 -5.85 -8.03 15.36
N LEU A 238 -5.86 -9.13 14.59
CA LEU A 238 -7.05 -9.94 14.49
C LEU A 238 -7.38 -10.64 15.79
N GLU A 239 -6.40 -10.80 16.68
CA GLU A 239 -6.65 -11.41 17.98
C GLU A 239 -7.70 -10.61 18.77
N ARG A 240 -7.38 -9.35 19.08
CA ARG A 240 -8.30 -8.50 19.85
C ARG A 240 -9.67 -8.42 19.18
N GLN A 241 -9.66 -8.37 17.86
CA GLN A 241 -10.89 -8.32 17.09
C GLN A 241 -11.75 -9.54 17.38
N TYR A 242 -11.16 -10.74 17.28
CA TYR A 242 -11.91 -11.95 17.57
C TYR A 242 -12.37 -11.99 19.02
N GLN A 243 -11.53 -11.52 19.93
CA GLN A 243 -11.92 -11.53 21.33
C GLN A 243 -12.85 -10.39 21.70
N LEU A 244 -13.24 -9.57 20.73
CA LEU A 244 -14.12 -8.44 20.96
C LEU A 244 -15.48 -8.55 20.29
N ARG A 245 -15.61 -9.29 19.20
CA ARG A 245 -16.92 -9.41 18.56
C ARG A 245 -17.62 -10.68 19.00
N LEU A 246 -18.95 -10.63 18.95
CA LEU A 246 -19.82 -11.66 19.49
C LEU A 246 -19.98 -12.85 18.55
N PHE A 247 -19.62 -12.70 17.27
CA PHE A 247 -19.67 -13.78 16.30
C PHE A 247 -21.08 -14.29 16.05
N LYS A 248 -22.09 -13.47 16.31
CA LYS A 248 -23.48 -13.75 15.93
C LYS A 248 -24.07 -12.50 15.31
N ASP A 249 -24.49 -12.61 14.06
CA ASP A 249 -25.08 -11.48 13.34
C ASP A 249 -24.08 -10.34 13.14
N GLY A 250 -22.77 -10.66 13.22
CA GLY A 250 -21.70 -9.72 12.96
C GLY A 250 -21.51 -8.68 14.03
N LYS A 251 -22.21 -8.78 15.15
CA LYS A 251 -22.12 -7.74 16.16
C LYS A 251 -20.83 -7.90 16.96
N LEU A 252 -20.67 -7.01 17.94
CA LEU A 252 -19.60 -7.00 18.91
C LEU A 252 -20.16 -7.32 20.29
N LYS A 253 -19.29 -7.83 21.16
CA LYS A 253 -19.72 -8.13 22.53
C LYS A 253 -20.06 -6.84 23.27
N TYR A 254 -20.90 -6.96 24.28
CA TYR A 254 -21.36 -5.75 24.95
C TYR A 254 -22.06 -6.10 26.25
N GLN A 255 -21.82 -5.30 27.29
CA GLN A 255 -22.56 -5.33 28.52
C GLN A 255 -23.87 -4.55 28.39
N MET A 256 -24.76 -4.71 29.37
CA MET A 256 -25.96 -3.87 29.44
C MET A 256 -26.22 -3.50 30.90
N LEU A 257 -25.85 -2.27 31.23
CA LEU A 257 -25.91 -1.73 32.58
C LEU A 257 -26.98 -0.64 32.64
N ASN A 258 -27.86 -0.71 33.65
CA ASN A 258 -28.95 0.24 33.82
C ASN A 258 -29.93 0.24 32.65
N GLY A 259 -29.96 -0.84 31.85
CA GLY A 259 -30.78 -0.89 30.66
C GLY A 259 -30.12 -0.31 29.42
N GLU A 260 -28.91 0.23 29.54
CA GLU A 260 -28.18 0.84 28.45
C GLU A 260 -27.04 -0.07 27.99
N VAL A 261 -26.66 0.09 26.72
CA VAL A 261 -25.66 -0.76 26.10
C VAL A 261 -24.26 -0.17 26.32
N TYR A 262 -23.31 -1.02 26.72
CA TYR A 262 -21.93 -0.60 26.97
C TYR A 262 -20.93 -1.64 26.45
N PRO A 263 -19.63 -1.35 26.44
CA PRO A 263 -18.67 -2.37 26.04
C PRO A 263 -18.59 -3.47 27.08
N PRO A 264 -18.19 -4.67 26.68
CA PRO A 264 -18.04 -5.77 27.65
C PRO A 264 -16.76 -5.65 28.46
N SER A 265 -16.69 -6.43 29.53
CA SER A 265 -15.55 -6.41 30.43
C SER A 265 -14.52 -7.45 30.00
N VAL A 266 -13.33 -7.37 30.59
CA VAL A 266 -12.29 -8.33 30.26
C VAL A 266 -12.71 -9.75 30.66
N GLU A 267 -13.73 -9.88 31.52
CA GLU A 267 -14.25 -11.20 31.87
C GLU A 267 -14.93 -11.87 30.69
N GLU A 268 -15.75 -11.12 29.94
CA GLU A 268 -16.42 -11.68 28.76
C GLU A 268 -15.61 -11.51 27.47
N ALA A 269 -14.77 -10.48 27.39
CA ALA A 269 -13.93 -10.22 26.20
C ALA A 269 -12.50 -9.96 26.66
N PRO A 270 -11.78 -11.00 27.02
CA PRO A 270 -10.47 -10.80 27.66
C PRO A 270 -9.39 -10.32 26.72
N VAL A 271 -9.03 -9.04 26.75
CA VAL A 271 -7.99 -8.49 25.89
C VAL A 271 -7.14 -7.51 26.67
N LEU A 272 -5.86 -7.42 26.30
CA LEU A 272 -4.91 -6.56 27.00
C LEU A 272 -5.40 -5.12 26.98
N MET A 273 -5.52 -4.52 28.17
CA MET A 273 -5.91 -3.11 28.28
C MET A 273 -5.37 -2.49 29.56
N HIS A 274 -4.76 -1.31 29.43
CA HIS A 274 -4.15 -0.64 30.57
C HIS A 274 -5.21 -0.05 31.49
N TYR A 275 -5.11 -0.36 32.78
CA TYR A 275 -6.01 0.15 33.81
C TYR A 275 -5.22 0.30 35.10
N PRO A 276 -5.82 0.89 36.12
CA PRO A 276 -5.22 0.83 37.46
C PRO A 276 -5.31 -0.58 38.05
N ARG A 277 -4.36 -0.87 38.93
CA ARG A 277 -4.11 -2.22 39.40
C ARG A 277 -5.10 -2.68 40.46
N GLY A 278 -6.15 -1.93 40.74
CA GLY A 278 -7.04 -2.33 41.83
C GLY A 278 -8.52 -2.46 41.50
N ILE A 279 -8.94 -1.84 40.42
CA ILE A 279 -10.36 -1.77 40.06
C ILE A 279 -10.85 -3.19 39.77
N PRO A 280 -12.11 -3.48 40.03
CA PRO A 280 -12.63 -4.85 39.82
C PRO A 280 -12.61 -5.23 38.34
N PRO A 281 -12.70 -6.52 38.02
CA PRO A 281 -12.73 -6.92 36.60
C PRO A 281 -14.07 -6.65 35.94
N GLN A 282 -15.15 -6.66 36.70
CA GLN A 282 -16.47 -6.31 36.18
C GLN A 282 -16.62 -4.81 35.97
N SER A 283 -15.56 -4.04 36.23
CA SER A 283 -15.58 -2.60 36.04
C SER A 283 -14.72 -2.14 34.86
N GLN A 284 -13.81 -2.96 34.35
CA GLN A 284 -13.12 -2.60 33.12
C GLN A 284 -14.07 -2.75 31.93
N MET A 285 -13.60 -2.33 30.76
CA MET A 285 -14.34 -2.52 29.53
C MET A 285 -13.35 -2.79 28.41
N ALA A 286 -13.83 -3.46 27.35
CA ALA A 286 -12.98 -3.89 26.23
C ALA A 286 -13.35 -3.10 24.97
N VAL A 287 -12.35 -2.43 24.37
CA VAL A 287 -12.62 -1.47 23.30
C VAL A 287 -11.79 -1.72 22.04
N GLY A 288 -10.48 -1.83 22.19
CA GLY A 288 -9.65 -1.94 21.00
C GLY A 288 -8.45 -1.02 21.05
N GLN A 289 -8.61 0.13 21.69
CA GLN A 289 -7.50 0.99 22.06
C GLN A 289 -7.15 0.74 23.52
N GLU A 290 -5.90 0.37 23.80
CA GLU A 290 -5.53 -0.10 25.13
C GLU A 290 -5.71 0.98 26.19
N VAL A 291 -5.65 2.26 25.79
CA VAL A 291 -5.62 3.33 26.78
C VAL A 291 -7.00 3.91 27.06
N PHE A 292 -8.02 3.58 26.25
CA PHE A 292 -9.33 4.23 26.34
C PHE A 292 -10.03 4.02 27.68
N GLY A 293 -9.55 3.09 28.52
CA GLY A 293 -10.14 2.97 29.85
C GLY A 293 -9.88 4.16 30.74
N LEU A 294 -8.77 4.87 30.49
CA LEU A 294 -8.35 5.93 31.40
C LEU A 294 -9.34 7.10 31.39
N LEU A 295 -9.47 7.79 30.27
CA LEU A 295 -10.34 8.97 30.33
C LEU A 295 -11.79 8.58 30.01
N PRO A 296 -12.76 9.17 30.71
CA PRO A 296 -14.17 8.83 30.42
C PRO A 296 -14.64 9.27 29.03
N GLY A 297 -14.06 10.34 28.46
CA GLY A 297 -14.47 10.75 27.13
C GLY A 297 -14.12 9.70 26.08
N LEU A 298 -12.90 9.13 26.19
CA LEU A 298 -12.49 8.09 25.26
C LEU A 298 -13.44 6.91 25.30
N MET A 299 -13.74 6.40 26.50
CA MET A 299 -14.65 5.27 26.62
C MET A 299 -16.07 5.65 26.20
N LEU A 300 -16.43 6.94 26.31
CA LEU A 300 -17.69 7.44 25.78
C LEU A 300 -17.78 7.22 24.26
N TYR A 301 -16.75 7.69 23.54
CA TYR A 301 -16.76 7.47 22.10
C TYR A 301 -16.72 5.97 21.78
N ALA A 302 -15.92 5.21 22.51
CA ALA A 302 -15.95 3.75 22.30
C ALA A 302 -17.38 3.23 22.40
N THR A 303 -18.13 3.74 23.39
CA THR A 303 -19.51 3.30 23.62
C THR A 303 -20.41 3.65 22.44
N ILE A 304 -20.42 4.91 22.05
CA ILE A 304 -21.34 5.36 21.01
C ILE A 304 -21.00 4.72 19.66
N TRP A 305 -19.70 4.55 19.37
CA TRP A 305 -19.32 3.84 18.15
C TRP A 305 -19.77 2.39 18.19
N LEU A 306 -19.50 1.68 19.30
CA LEU A 306 -19.91 0.28 19.39
C LEU A 306 -21.42 0.14 19.17
N ARG A 307 -22.22 0.96 19.86
CA ARG A 307 -23.67 0.94 19.63
C ARG A 307 -23.96 1.14 18.16
N GLU A 308 -23.24 2.07 17.52
CA GLU A 308 -23.42 2.29 16.09
C GLU A 308 -23.17 1.00 15.32
N HIS A 309 -22.03 0.35 15.55
CA HIS A 309 -21.71 -0.87 14.82
C HIS A 309 -22.82 -1.90 14.97
N ASN A 310 -23.26 -2.17 16.19
CA ASN A 310 -24.29 -3.21 16.30
C ASN A 310 -25.58 -2.79 15.62
N ARG A 311 -25.93 -1.49 15.67
CA ARG A 311 -27.12 -1.01 14.96
C ARG A 311 -27.00 -1.22 13.45
N VAL A 312 -25.82 -0.93 12.89
CA VAL A 312 -25.59 -1.16 11.47
C VAL A 312 -25.70 -2.64 11.15
N CYS A 313 -25.19 -3.51 12.03
CA CYS A 313 -25.36 -4.94 11.84
C CYS A 313 -26.85 -5.29 11.74
N ASP A 314 -27.67 -4.72 12.63
CA ASP A 314 -29.10 -4.96 12.54
C ASP A 314 -29.65 -4.53 11.18
N LEU A 315 -29.27 -3.33 10.73
CA LEU A 315 -29.78 -2.84 9.46
C LEU A 315 -29.36 -3.73 8.29
N LEU A 316 -28.13 -4.24 8.33
CA LEU A 316 -27.67 -5.12 7.25
C LEU A 316 -28.47 -6.43 7.25
N LYS A 317 -28.51 -7.12 8.39
CA LYS A 317 -29.22 -8.39 8.47
C LYS A 317 -30.69 -8.23 8.11
N ALA A 318 -31.26 -7.03 8.26
CA ALA A 318 -32.62 -6.82 7.82
C ALA A 318 -32.78 -7.08 6.33
N GLU A 319 -31.78 -6.75 5.52
CA GLU A 319 -31.88 -6.93 4.08
C GLU A 319 -31.09 -8.12 3.56
N HIS A 320 -30.19 -8.68 4.36
CA HIS A 320 -29.30 -9.74 3.90
C HIS A 320 -29.41 -10.92 4.84
N PRO A 321 -30.57 -11.58 4.87
CA PRO A 321 -30.74 -12.71 5.81
C PRO A 321 -29.77 -13.83 5.57
N THR A 322 -29.12 -13.86 4.42
CA THR A 322 -28.30 -14.98 4.00
C THR A 322 -26.82 -14.83 4.35
N TRP A 323 -26.36 -13.62 4.70
CA TRP A 323 -24.96 -13.39 5.00
C TRP A 323 -24.54 -14.07 6.30
N GLY A 324 -23.33 -14.63 6.30
CA GLY A 324 -22.72 -15.13 7.52
C GLY A 324 -22.30 -13.99 8.45
N ASP A 325 -21.69 -14.38 9.57
CA ASP A 325 -21.30 -13.38 10.56
C ASP A 325 -20.24 -12.44 10.00
N GLU A 326 -19.17 -13.01 9.42
CA GLU A 326 -18.01 -12.17 9.15
C GLU A 326 -18.27 -11.15 8.05
N GLN A 327 -19.23 -11.41 7.15
CA GLN A 327 -19.55 -10.39 6.16
C GLN A 327 -20.35 -9.25 6.77
N LEU A 328 -21.28 -9.56 7.67
CA LEU A 328 -21.93 -8.49 8.42
C LEU A 328 -20.89 -7.66 9.17
N PHE A 329 -19.89 -8.32 9.76
CA PHE A 329 -18.85 -7.60 10.48
C PHE A 329 -18.08 -6.68 9.53
N GLN A 330 -17.47 -7.25 8.49
CA GLN A 330 -16.61 -6.44 7.61
C GLN A 330 -17.40 -5.30 6.96
N THR A 331 -18.63 -5.58 6.50
CA THR A 331 -19.43 -4.54 5.88
C THR A 331 -19.73 -3.42 6.87
N ALA A 332 -20.14 -3.78 8.09
CA ALA A 332 -20.43 -2.75 9.09
C ALA A 332 -19.18 -1.93 9.39
N ARG A 333 -18.01 -2.57 9.38
CA ARG A 333 -16.77 -1.85 9.63
C ARG A 333 -16.52 -0.83 8.53
N LEU A 334 -16.71 -1.25 7.27
CA LEU A 334 -16.55 -0.28 6.18
C LEU A 334 -17.53 0.88 6.35
N ILE A 335 -18.78 0.58 6.75
CA ILE A 335 -19.76 1.66 6.94
C ILE A 335 -19.30 2.61 8.03
N LEU A 336 -18.70 2.08 9.10
CA LEU A 336 -18.24 2.99 10.15
C LEU A 336 -17.04 3.80 9.68
N ILE A 337 -16.17 3.20 8.87
CA ILE A 337 -15.03 3.96 8.32
C ILE A 337 -15.54 5.11 7.46
N GLY A 338 -16.57 4.85 6.65
CA GLY A 338 -17.12 5.91 5.83
C GLY A 338 -17.78 7.00 6.65
N GLU A 339 -18.62 6.60 7.62
CA GLU A 339 -19.24 7.59 8.48
C GLU A 339 -18.17 8.46 9.13
N THR A 340 -17.08 7.84 9.57
CA THR A 340 -16.03 8.58 10.27
C THR A 340 -15.39 9.62 9.35
N ILE A 341 -14.91 9.20 8.17
CA ILE A 341 -14.30 10.19 7.27
C ILE A 341 -15.29 11.31 6.93
N LYS A 342 -16.55 10.94 6.71
CA LYS A 342 -17.62 11.91 6.45
C LYS A 342 -17.68 12.97 7.55
N ILE A 343 -17.88 12.53 8.80
CA ILE A 343 -18.03 13.48 9.91
C ILE A 343 -16.75 14.27 10.12
N VAL A 344 -15.60 13.61 9.98
CA VAL A 344 -14.34 14.32 10.21
C VAL A 344 -14.16 15.44 9.19
N ILE A 345 -14.55 15.21 7.94
CA ILE A 345 -14.36 16.26 6.93
C ILE A 345 -15.43 17.32 7.06
N GLU A 346 -16.71 16.94 7.09
CA GLU A 346 -17.73 17.97 6.97
C GLU A 346 -18.09 18.66 8.29
N GLU A 347 -17.73 18.09 9.44
CA GLU A 347 -18.02 18.73 10.73
C GLU A 347 -16.78 19.03 11.56
N TYR A 348 -15.86 18.06 11.69
CA TYR A 348 -14.63 18.19 12.45
C TYR A 348 -13.73 19.28 11.87
N VAL A 349 -13.24 19.04 10.64
CA VAL A 349 -12.37 20.01 9.98
C VAL A 349 -13.13 21.30 9.69
N GLN A 350 -14.46 21.22 9.53
CA GLN A 350 -15.26 22.42 9.38
C GLN A 350 -15.15 23.29 10.62
N GLN A 351 -15.35 22.69 11.80
CA GLN A 351 -15.20 23.44 13.03
C GLN A 351 -13.79 24.01 13.17
N LEU A 352 -12.78 23.20 12.87
CA LEU A 352 -11.41 23.73 12.96
C LEU A 352 -11.21 24.92 12.02
N SER A 353 -11.77 24.85 10.82
CA SER A 353 -11.40 25.80 9.76
C SER A 353 -12.04 27.16 9.95
N GLY A 354 -13.29 27.20 10.42
CA GLY A 354 -13.97 28.47 10.39
C GLY A 354 -14.28 28.95 8.99
N TYR A 355 -14.09 28.10 7.97
CA TYR A 355 -14.38 28.51 6.61
C TYR A 355 -15.87 28.66 6.36
N PHE A 356 -16.25 29.72 5.63
CA PHE A 356 -17.61 29.81 5.12
C PHE A 356 -17.87 28.79 4.03
N LEU A 357 -16.83 28.43 3.27
CA LEU A 357 -16.93 27.33 2.33
C LEU A 357 -17.28 26.07 3.11
N GLN A 358 -18.44 25.47 2.80
CA GLN A 358 -18.81 24.21 3.44
C GLN A 358 -17.99 23.09 2.81
N LEU A 359 -17.06 22.53 3.58
CA LEU A 359 -16.30 21.37 3.11
C LEU A 359 -17.27 20.23 2.77
N LYS A 360 -16.80 19.31 1.92
CA LYS A 360 -17.68 18.26 1.38
C LYS A 360 -16.89 16.98 1.16
N PHE A 361 -17.41 15.86 1.67
CA PHE A 361 -16.77 14.55 1.49
C PHE A 361 -17.41 13.83 0.30
N ASP A 362 -16.76 13.96 -0.86
CA ASP A 362 -17.17 13.25 -2.07
C ASP A 362 -15.93 12.67 -2.74
N PRO A 363 -15.62 11.39 -2.51
CA PRO A 363 -14.40 10.83 -3.11
C PRO A 363 -14.36 10.95 -4.62
N GLU A 364 -15.52 11.04 -5.30
CA GLU A 364 -15.58 11.22 -6.75
C GLU A 364 -14.91 12.51 -7.21
N LEU A 365 -14.74 13.50 -6.32
CA LEU A 365 -14.02 14.72 -6.68
C LEU A 365 -12.60 14.44 -7.12
N LEU A 366 -12.04 13.29 -6.72
CA LEU A 366 -10.66 12.98 -7.07
C LEU A 366 -10.54 11.95 -8.17
N PHE A 367 -11.67 11.47 -8.72
CA PHE A 367 -11.59 10.46 -9.78
C PHE A 367 -11.02 11.04 -11.07
N GLY A 368 -10.90 12.35 -11.18
CA GLY A 368 -10.24 12.88 -12.34
C GLY A 368 -8.77 13.18 -12.13
N ALA A 369 -8.25 12.89 -10.95
CA ALA A 369 -6.92 13.35 -10.57
C ALA A 369 -5.96 12.19 -10.40
N GLN A 370 -4.67 12.53 -10.40
CA GLN A 370 -3.60 11.59 -10.09
C GLN A 370 -3.44 11.62 -8.58
N PHE A 371 -3.96 10.58 -7.92
CA PHE A 371 -4.07 10.53 -6.47
C PHE A 371 -3.80 9.11 -6.00
N GLN A 372 -2.88 8.96 -5.05
CA GLN A 372 -2.52 7.64 -4.51
C GLN A 372 -3.36 7.33 -3.28
N TYR A 373 -4.25 6.34 -3.39
CA TYR A 373 -5.14 5.92 -2.32
C TYR A 373 -4.35 5.08 -1.30
N ARG A 374 -3.52 5.79 -0.54
CA ARG A 374 -2.54 5.13 0.32
C ARG A 374 -1.92 6.13 1.28
N ASN A 375 -1.92 5.83 2.58
CA ASN A 375 -1.37 6.76 3.56
C ASN A 375 -0.44 6.01 4.51
N ARG A 376 0.61 6.72 4.93
CA ARG A 376 1.51 6.26 5.98
C ARG A 376 1.90 7.47 6.80
N ILE A 377 1.81 7.34 8.12
CA ILE A 377 1.85 8.49 9.03
C ILE A 377 3.28 8.91 9.33
N ALA A 378 3.47 10.22 9.42
CA ALA A 378 4.78 10.81 9.62
C ALA A 378 4.99 11.19 11.09
N MET A 379 6.27 11.32 11.46
CA MET A 379 6.62 11.77 12.80
C MET A 379 6.01 13.13 13.07
N GLU A 380 6.22 14.05 12.11
CA GLU A 380 5.81 15.43 12.29
C GLU A 380 4.32 15.55 12.47
N PHE A 381 3.56 14.51 12.12
CA PHE A 381 2.12 14.66 12.14
C PHE A 381 1.50 14.25 13.45
N ASN A 382 2.10 13.34 14.20
CA ASN A 382 1.59 13.22 15.56
C ASN A 382 2.23 14.27 16.45
N GLN A 383 3.50 14.62 16.20
CA GLN A 383 4.05 15.68 17.04
C GLN A 383 3.29 16.98 16.82
N LEU A 384 2.88 17.22 15.58
CA LEU A 384 2.00 18.34 15.25
C LEU A 384 0.68 18.27 16.01
N TYR A 385 0.15 17.06 16.21
CA TYR A 385 -1.24 16.87 16.62
C TYR A 385 -1.39 16.83 18.14
N HIS A 386 -0.32 17.07 18.89
CA HIS A 386 -0.44 17.09 20.34
C HIS A 386 -1.14 18.37 20.77
N TRP A 387 -2.48 18.31 20.87
CA TRP A 387 -3.35 19.46 21.07
C TRP A 387 -3.83 19.60 22.52
N HIS A 388 -2.97 19.31 23.49
CA HIS A 388 -3.39 19.27 24.89
C HIS A 388 -3.97 20.58 25.42
N PRO A 389 -3.64 21.76 24.89
CA PRO A 389 -4.28 22.99 25.39
C PRO A 389 -5.79 22.98 25.23
N LEU A 390 -6.34 22.01 24.49
CA LEU A 390 -7.79 21.91 24.37
C LEU A 390 -8.44 21.54 25.70
N MET A 391 -7.67 20.95 26.64
CA MET A 391 -8.23 20.45 27.88
C MET A 391 -8.39 21.58 28.90
N PRO A 392 -9.47 21.58 29.67
CA PRO A 392 -9.79 22.72 30.52
C PRO A 392 -9.02 22.69 31.83
N ASP A 393 -9.30 23.67 32.69
CA ASP A 393 -8.79 23.61 34.05
C ASP A 393 -9.48 22.50 34.83
N SER A 394 -10.79 22.38 34.68
CA SER A 394 -11.58 21.33 35.31
C SER A 394 -12.52 20.72 34.28
N PHE A 395 -13.22 19.66 34.68
CA PHE A 395 -14.22 18.99 33.84
C PHE A 395 -15.59 19.19 34.48
N ARG A 396 -16.39 20.07 33.88
CA ARG A 396 -17.72 20.40 34.39
C ARG A 396 -18.74 19.46 33.79
N VAL A 397 -19.48 18.76 34.66
CA VAL A 397 -20.60 17.94 34.24
C VAL A 397 -21.79 18.38 35.09
N GLY A 398 -22.83 18.88 34.44
CA GLY A 398 -23.98 19.43 35.13
C GLY A 398 -23.61 20.58 36.06
N PRO A 399 -24.23 20.61 37.23
CA PRO A 399 -23.91 21.66 38.21
C PRO A 399 -22.60 21.46 38.96
N GLN A 400 -22.07 20.25 39.03
CA GLN A 400 -20.86 19.98 39.80
C GLN A 400 -19.63 19.95 38.89
N ASP A 401 -18.47 19.82 39.53
CA ASP A 401 -17.18 20.00 38.87
C ASP A 401 -16.22 18.93 39.34
N TYR A 402 -15.52 18.30 38.40
CA TYR A 402 -14.54 17.26 38.68
C TYR A 402 -13.15 17.76 38.29
N SER A 403 -12.22 17.70 39.23
CA SER A 403 -10.84 18.03 38.93
C SER A 403 -10.23 16.90 38.11
N TYR A 404 -8.98 17.10 37.66
CA TYR A 404 -8.31 16.02 36.93
C TYR A 404 -8.21 14.76 37.79
N GLU A 405 -7.81 14.91 39.04
CA GLU A 405 -7.65 13.75 39.91
C GLU A 405 -8.96 12.99 40.05
N GLN A 406 -10.10 13.69 40.00
CA GLN A 406 -11.40 13.03 40.06
C GLN A 406 -11.82 12.44 38.72
N PHE A 407 -11.43 13.09 37.62
CA PHE A 407 -11.86 12.75 36.27
C PHE A 407 -10.98 11.68 35.63
N LEU A 408 -9.66 11.86 35.67
CA LEU A 408 -8.76 10.87 35.13
C LEU A 408 -8.98 9.53 35.82
N PHE A 409 -8.93 8.47 35.04
CA PHE A 409 -8.98 7.10 35.52
C PHE A 409 -10.31 6.75 36.17
N ASN A 410 -11.32 7.60 36.07
CA ASN A 410 -12.57 7.37 36.79
C ASN A 410 -13.43 6.31 36.10
N THR A 411 -13.69 5.20 36.82
CA THR A 411 -14.36 4.03 36.27
C THR A 411 -15.88 4.16 36.25
N SER A 412 -16.44 4.98 37.12
CA SER A 412 -17.86 4.97 37.40
C SER A 412 -18.62 6.08 36.69
N MET A 413 -17.97 7.22 36.42
CA MET A 413 -18.68 8.39 35.91
C MET A 413 -19.35 8.07 34.57
N LEU A 414 -18.68 7.28 33.72
CA LEU A 414 -19.23 7.00 32.40
C LEU A 414 -20.59 6.32 32.53
N VAL A 415 -20.72 5.39 33.48
CA VAL A 415 -21.99 4.69 33.64
C VAL A 415 -22.92 5.37 34.64
N ASP A 416 -22.37 6.16 35.57
CA ASP A 416 -23.23 6.95 36.45
C ASP A 416 -24.09 7.91 35.65
N TYR A 417 -23.47 8.71 34.78
CA TYR A 417 -24.24 9.58 33.90
C TYR A 417 -24.54 8.84 32.61
N GLY A 418 -25.76 9.00 32.09
CA GLY A 418 -26.06 8.46 30.79
C GLY A 418 -25.09 9.02 29.75
N VAL A 419 -24.86 8.25 28.69
CA VAL A 419 -24.04 8.76 27.58
C VAL A 419 -24.59 10.10 27.11
N GLU A 420 -25.92 10.24 27.12
CA GLU A 420 -26.55 11.53 26.83
C GLU A 420 -25.97 12.61 27.72
N ALA A 421 -26.02 12.42 29.04
CA ALA A 421 -25.61 13.47 29.96
C ALA A 421 -24.16 13.87 29.77
N LEU A 422 -23.29 12.92 29.45
CA LEU A 422 -21.88 13.24 29.22
C LEU A 422 -21.69 13.98 27.91
N VAL A 423 -22.40 13.57 26.86
CA VAL A 423 -22.32 14.30 25.60
C VAL A 423 -22.81 15.74 25.79
N ASP A 424 -23.88 15.90 26.58
CA ASP A 424 -24.43 17.24 26.79
C ASP A 424 -23.46 18.09 27.59
N ALA A 425 -22.83 17.51 28.61
CA ALA A 425 -21.93 18.30 29.45
C ALA A 425 -20.64 18.63 28.71
N PHE A 426 -20.16 17.72 27.86
CA PHE A 426 -18.92 17.98 27.13
C PHE A 426 -19.14 18.98 26.01
N SER A 427 -20.29 18.90 25.33
CA SER A 427 -20.58 19.79 24.21
C SER A 427 -20.97 21.18 24.65
N ARG A 428 -21.08 21.43 25.96
CA ARG A 428 -21.39 22.75 26.47
C ARG A 428 -20.18 23.48 27.02
N GLN A 429 -19.17 22.75 27.54
CA GLN A 429 -18.00 23.35 28.17
C GLN A 429 -16.95 23.73 27.12
N PRO A 430 -16.50 24.98 27.10
CA PRO A 430 -15.51 25.40 26.09
C PRO A 430 -14.20 24.65 26.24
N ALA A 431 -13.52 24.49 25.12
CA ALA A 431 -12.17 23.91 25.08
C ALA A 431 -11.14 25.02 24.93
N GLY A 432 -9.90 24.69 25.25
CA GLY A 432 -8.86 25.71 25.27
C GLY A 432 -8.34 26.02 23.88
N ARG A 433 -7.93 27.27 23.70
CA ARG A 433 -7.25 27.64 22.45
C ARG A 433 -5.94 26.88 22.34
N ILE A 434 -5.57 26.53 21.11
CA ILE A 434 -4.37 25.71 20.93
C ILE A 434 -3.12 26.56 20.72
N GLY A 435 -3.24 27.69 20.03
CA GLY A 435 -2.10 28.52 19.69
C GLY A 435 -1.88 29.65 20.68
N GLY A 436 -0.95 30.52 20.34
CA GLY A 436 -0.61 31.62 21.23
C GLY A 436 0.42 31.26 22.29
N GLY A 437 0.25 30.10 22.93
CA GLY A 437 1.15 29.66 23.97
C GLY A 437 0.59 29.89 25.37
N ARG A 438 1.26 29.29 26.34
CA ARG A 438 0.87 29.39 27.76
C ARG A 438 -0.59 28.99 27.96
N ASN A 439 -0.99 27.88 27.34
CA ASN A 439 -2.35 27.44 27.55
C ASN A 439 -2.45 25.92 27.77
N ILE A 440 -1.38 25.30 28.26
CA ILE A 440 -1.39 23.90 28.66
C ILE A 440 -1.57 23.81 30.17
N ASP A 441 -2.57 23.06 30.62
CA ASP A 441 -2.73 22.85 32.04
C ASP A 441 -1.47 22.22 32.62
N HIS A 442 -1.21 22.50 33.91
CA HIS A 442 0.01 22.00 34.53
C HIS A 442 0.00 20.48 34.69
N HIS A 443 -1.18 19.86 34.80
CA HIS A 443 -1.23 18.40 34.91
C HIS A 443 -0.67 17.74 33.67
N ILE A 444 -1.27 18.04 32.51
CA ILE A 444 -0.86 17.41 31.26
C ILE A 444 0.47 17.95 30.74
N LEU A 445 1.01 18.99 31.39
CA LEU A 445 2.14 19.72 30.79
C LEU A 445 3.30 18.79 30.46
N HIS A 446 3.47 17.71 31.22
CA HIS A 446 4.63 16.83 31.02
C HIS A 446 4.66 16.23 29.62
N VAL A 447 3.51 15.91 29.03
CA VAL A 447 3.53 15.41 27.66
C VAL A 447 4.29 16.39 26.78
N ALA A 448 3.92 17.67 26.85
CA ALA A 448 4.54 18.70 26.01
C ALA A 448 6.04 18.80 26.26
N VAL A 449 6.52 18.37 27.43
CA VAL A 449 7.95 18.34 27.64
C VAL A 449 8.56 17.18 26.87
N ASP A 450 8.03 15.98 27.07
CA ASP A 450 8.59 14.81 26.40
C ASP A 450 8.64 15.01 24.90
N VAL A 451 7.57 15.56 24.32
CA VAL A 451 7.55 15.77 22.87
C VAL A 451 8.76 16.57 22.42
N ILE A 452 9.06 17.66 23.14
CA ILE A 452 10.26 18.42 22.80
C ILE A 452 11.48 17.50 22.83
N LYS A 453 11.70 16.81 23.96
CA LYS A 453 12.83 15.87 24.00
C LYS A 453 12.71 14.81 22.92
N GLU A 454 11.49 14.31 22.69
CA GLU A 454 11.33 13.30 21.65
C GLU A 454 11.70 13.87 20.29
N SER A 455 11.27 15.12 20.02
CA SER A 455 11.70 15.79 18.81
C SER A 455 13.21 15.66 18.64
N ARG A 456 13.96 15.94 19.73
CA ARG A 456 15.42 15.96 19.64
C ARG A 456 15.97 14.57 19.41
N VAL A 457 15.30 13.52 19.90
CA VAL A 457 15.78 12.18 19.62
C VAL A 457 15.39 11.79 18.19
N LEU A 458 14.25 12.27 17.70
CA LEU A 458 13.92 12.03 16.30
C LEU A 458 14.70 12.93 15.37
N ARG A 459 15.39 13.94 15.89
CA ARG A 459 16.27 14.81 15.12
C ARG A 459 15.52 15.57 14.03
N LEU A 460 14.34 16.10 14.37
CA LEU A 460 13.59 16.93 13.42
C LEU A 460 14.41 18.16 13.05
N GLN A 461 14.12 18.73 11.89
CA GLN A 461 14.84 19.90 11.42
C GLN A 461 14.31 21.15 12.13
N PRO A 462 14.89 22.32 11.82
CA PRO A 462 14.38 23.56 12.40
C PRO A 462 12.97 23.90 11.93
N PHE A 463 12.29 24.69 12.77
CA PHE A 463 10.92 25.10 12.46
C PHE A 463 10.86 25.77 11.10
N ASN A 464 11.81 26.67 10.80
CA ASN A 464 11.78 27.34 9.51
C ASN A 464 11.98 26.39 8.34
N GLU A 465 12.54 25.20 8.56
CA GLU A 465 12.72 24.32 7.41
C GLU A 465 11.42 23.61 7.03
N TYR A 466 10.69 23.07 8.02
CA TYR A 466 9.35 22.59 7.73
C TYR A 466 8.46 23.71 7.20
N ARG A 467 8.52 24.86 7.88
CA ARG A 467 7.88 26.09 7.44
C ARG A 467 8.09 26.30 5.94
N LYS A 468 9.33 26.12 5.48
CA LYS A 468 9.62 26.24 4.06
C LYS A 468 8.98 25.11 3.26
N ARG A 469 9.06 23.88 3.75
CA ARG A 469 8.64 22.78 2.88
C ARG A 469 7.14 22.74 2.69
N PHE A 470 6.37 23.36 3.58
CA PHE A 470 4.93 23.44 3.41
C PHE A 470 4.47 24.75 2.74
N GLY A 471 5.33 25.35 1.89
CA GLY A 471 4.95 26.46 1.05
C GLY A 471 4.91 27.81 1.72
N MET A 472 5.64 27.97 2.81
CA MET A 472 5.67 29.20 3.59
C MET A 472 7.05 29.82 3.57
N LYS A 473 7.14 31.01 4.12
CA LYS A 473 8.44 31.63 4.23
C LYS A 473 8.94 31.52 5.66
N PRO A 474 10.24 31.29 5.86
CA PRO A 474 10.77 31.19 7.22
C PRO A 474 10.66 32.52 7.92
N TYR A 475 10.35 32.47 9.22
CA TYR A 475 10.37 33.68 10.03
C TYR A 475 11.79 34.23 10.11
N THR A 476 11.89 35.57 10.15
CA THR A 476 13.18 36.25 10.21
C THR A 476 13.54 36.69 11.63
N SER A 477 12.59 36.67 12.56
CA SER A 477 12.83 37.06 13.94
C SER A 477 11.81 36.34 14.81
N PHE A 478 12.14 36.22 16.08
CA PHE A 478 11.19 35.62 17.02
C PHE A 478 9.96 36.52 17.19
N GLN A 479 10.18 37.83 17.25
CA GLN A 479 9.05 38.73 17.42
C GLN A 479 8.10 38.70 16.22
N GLU A 480 8.61 38.40 15.02
CA GLU A 480 7.71 38.13 13.90
C GLU A 480 6.91 36.84 14.11
N LEU A 481 7.50 35.86 14.78
CA LEU A 481 6.81 34.61 15.09
C LEU A 481 5.66 34.85 16.06
N THR A 482 5.96 35.38 17.25
CA THR A 482 4.98 35.45 18.32
C THR A 482 4.00 36.61 18.19
N GLY A 483 4.37 37.65 17.43
CA GLY A 483 3.54 38.84 17.37
C GLY A 483 3.55 39.67 18.62
N GLU A 484 4.60 39.56 19.43
CA GLU A 484 4.73 40.33 20.65
C GLU A 484 6.21 40.56 20.91
N LYS A 485 6.56 41.04 22.09
CA LYS A 485 7.94 41.43 22.34
C LYS A 485 8.58 40.72 23.52
N GLU A 486 7.80 40.25 24.50
CA GLU A 486 8.39 39.63 25.70
C GLU A 486 8.84 38.20 25.44
N MET A 487 7.90 37.31 25.12
CA MET A 487 8.31 35.94 24.79
C MET A 487 9.30 35.93 23.64
N ALA A 488 9.19 36.87 22.69
CA ALA A 488 10.13 36.91 21.57
C ALA A 488 11.54 37.18 22.05
N ALA A 489 11.70 38.19 22.91
CA ALA A 489 13.02 38.49 23.44
C ALA A 489 13.59 37.29 24.18
N GLU A 490 12.79 36.68 25.05
CA GLU A 490 13.32 35.53 25.78
C GLU A 490 13.64 34.36 24.86
N LEU A 491 12.81 34.11 23.85
CA LEU A 491 13.10 33.05 22.90
C LEU A 491 14.42 33.29 22.19
N GLU A 492 14.69 34.55 21.79
CA GLU A 492 16.01 34.82 21.23
C GLU A 492 17.11 34.62 22.26
N GLU A 493 16.83 34.89 23.54
CA GLU A 493 17.85 34.69 24.56
C GLU A 493 18.14 33.20 24.76
N LEU A 494 17.15 32.34 24.54
CA LEU A 494 17.36 30.90 24.74
C LEU A 494 17.92 30.24 23.49
N TYR A 495 17.25 30.39 22.34
CA TYR A 495 17.66 29.67 21.13
C TYR A 495 18.86 30.30 20.43
N GLY A 496 18.91 31.63 20.37
CA GLY A 496 20.02 32.35 19.79
C GLY A 496 19.81 32.79 18.36
N ASP A 497 19.04 32.02 17.59
CA ASP A 497 18.70 32.37 16.22
C ASP A 497 17.35 31.73 15.90
N ILE A 498 16.52 32.47 15.16
CA ILE A 498 15.20 31.95 14.80
C ILE A 498 15.32 30.68 13.95
N ASP A 499 16.40 30.56 13.17
CA ASP A 499 16.58 29.40 12.31
C ASP A 499 16.83 28.12 13.11
N ALA A 500 17.03 28.24 14.43
CA ALA A 500 17.22 27.11 15.33
C ALA A 500 15.97 26.80 16.15
N LEU A 501 14.94 27.56 16.07
CA LEU A 501 13.75 27.24 16.84
C LEU A 501 13.31 25.88 16.48
N GLU A 502 12.59 25.24 17.35
CA GLU A 502 12.20 23.85 17.20
C GLU A 502 10.80 23.71 16.61
N PHE A 503 10.48 22.50 16.16
CA PHE A 503 9.21 22.28 15.46
C PHE A 503 8.03 22.47 16.41
N TYR A 504 7.92 21.62 17.44
CA TYR A 504 6.75 21.71 18.30
C TYR A 504 6.67 23.05 19.01
N PRO A 505 7.70 23.51 19.72
CA PRO A 505 7.62 24.81 20.40
C PRO A 505 7.17 25.93 19.49
N GLY A 506 7.91 26.17 18.41
CA GLY A 506 7.56 27.27 17.53
C GLY A 506 6.18 27.11 16.92
N LEU A 507 5.76 25.88 16.70
CA LEU A 507 4.42 25.68 16.18
C LEU A 507 3.36 26.11 17.19
N LEU A 508 3.62 25.93 18.49
CA LEU A 508 2.67 26.31 19.54
C LEU A 508 2.81 27.76 20.02
N LEU A 509 3.95 28.40 19.78
CA LEU A 509 4.16 29.79 20.16
C LEU A 509 3.82 30.76 19.05
N GLU A 510 3.55 30.26 17.85
CA GLU A 510 3.20 31.13 16.76
C GLU A 510 1.96 31.94 17.12
N LYS A 511 1.87 33.14 16.59
CA LYS A 511 0.65 33.94 16.75
C LYS A 511 -0.51 33.27 16.02
N CYS A 512 -1.66 33.16 16.68
CA CYS A 512 -2.86 32.67 16.02
C CYS A 512 -3.36 33.69 15.00
N HIS A 513 -4.10 33.19 14.00
CA HIS A 513 -4.85 34.11 13.16
C HIS A 513 -5.87 34.84 14.02
N PRO A 514 -6.34 36.01 13.56
CA PRO A 514 -7.27 36.80 14.37
C PRO A 514 -8.57 36.04 14.61
N ASN A 515 -8.84 35.74 15.87
CA ASN A 515 -10.06 35.06 16.28
C ASN A 515 -10.12 33.62 15.81
N SER A 516 -8.98 33.01 15.54
CA SER A 516 -8.91 31.61 15.13
C SER A 516 -8.30 30.77 16.24
N ILE A 517 -8.41 29.45 16.08
CA ILE A 517 -7.98 28.54 17.14
C ILE A 517 -6.46 28.35 17.19
N PHE A 518 -5.74 28.70 16.12
CA PHE A 518 -4.28 28.68 16.13
C PHE A 518 -3.76 29.37 14.87
N GLY A 519 -2.45 29.55 14.81
CA GLY A 519 -1.81 30.34 13.77
C GLY A 519 -1.75 29.61 12.44
N GLU A 520 -0.96 30.15 11.52
CA GLU A 520 -0.99 29.61 10.17
C GLU A 520 -0.22 28.31 10.03
N SER A 521 0.89 28.14 10.74
CA SER A 521 1.74 26.97 10.52
C SER A 521 1.00 25.68 10.79
N MET A 522 0.21 25.65 11.87
CA MET A 522 -0.63 24.49 12.12
C MET A 522 -1.62 24.26 10.97
N ILE A 523 -2.12 25.32 10.35
CA ILE A 523 -3.04 25.15 9.22
C ILE A 523 -2.31 24.47 8.06
N GLU A 524 -1.28 25.14 7.53
CA GLU A 524 -0.61 24.79 6.28
C GLU A 524 0.21 23.51 6.39
N MET A 525 0.55 23.11 7.62
CA MET A 525 1.22 21.84 7.86
C MET A 525 0.21 20.73 8.14
N GLY A 526 -0.69 20.94 9.11
CA GLY A 526 -1.58 19.85 9.48
C GLY A 526 -2.60 19.49 8.40
N ALA A 527 -3.05 20.48 7.64
CA ALA A 527 -4.09 20.21 6.64
C ALA A 527 -3.65 19.18 5.61
N PRO A 528 -2.47 19.31 5.00
CA PRO A 528 -2.04 18.26 4.07
C PRO A 528 -2.07 16.86 4.69
N PHE A 529 -1.57 16.69 5.91
CA PHE A 529 -1.60 15.35 6.52
C PHE A 529 -3.03 14.89 6.75
N SER A 530 -3.89 15.79 7.24
CA SER A 530 -5.26 15.39 7.56
C SER A 530 -6.02 14.97 6.30
N LEU A 531 -5.90 15.74 5.23
CA LEU A 531 -6.69 15.39 4.04
C LEU A 531 -6.09 14.19 3.31
N LYS A 532 -4.76 14.15 3.17
CA LYS A 532 -4.13 12.97 2.57
C LYS A 532 -4.49 11.70 3.34
N GLY A 533 -4.68 11.82 4.66
CA GLY A 533 -5.04 10.67 5.45
C GLY A 533 -6.50 10.30 5.38
N LEU A 534 -7.37 11.30 5.18
CA LEU A 534 -8.81 11.03 5.10
C LEU A 534 -9.22 10.50 3.74
N LEU A 535 -8.61 10.97 2.65
CA LEU A 535 -9.01 10.51 1.33
C LEU A 535 -8.08 9.46 0.74
N GLY A 536 -6.91 9.26 1.32
CA GLY A 536 -6.09 8.12 0.92
C GLY A 536 -6.65 6.78 1.32
N ASN A 537 -7.68 6.75 2.17
CA ASN A 537 -8.31 5.49 2.56
C ASN A 537 -8.85 4.78 1.33
N PRO A 538 -8.62 3.47 1.19
CA PRO A 538 -9.06 2.78 -0.03
C PRO A 538 -10.56 2.77 -0.24
N ILE A 539 -11.37 3.07 0.79
CA ILE A 539 -12.81 3.12 0.56
C ILE A 539 -13.17 4.30 -0.34
N CYS A 540 -12.33 5.34 -0.36
CA CYS A 540 -12.46 6.49 -1.23
C CYS A 540 -12.03 6.20 -2.66
N SER A 541 -11.35 5.08 -2.90
CA SER A 541 -10.89 4.74 -4.23
C SER A 541 -12.07 4.54 -5.17
N PRO A 542 -11.85 4.64 -6.47
CA PRO A 542 -12.91 4.25 -7.42
C PRO A 542 -13.24 2.78 -7.31
N GLU A 543 -12.29 1.94 -6.90
CA GLU A 543 -12.53 0.50 -6.84
C GLU A 543 -13.49 0.14 -5.71
N TYR A 544 -13.32 0.74 -4.53
CA TYR A 544 -14.17 0.39 -3.39
C TYR A 544 -15.46 1.20 -3.31
N TRP A 545 -15.45 2.45 -3.81
CA TRP A 545 -16.51 3.43 -3.60
C TRP A 545 -17.75 3.13 -4.46
N LYS A 546 -18.47 2.07 -4.09
CA LYS A 546 -19.66 1.57 -4.77
C LYS A 546 -20.68 1.21 -3.72
N ALA A 547 -21.96 1.14 -4.12
CA ALA A 547 -22.95 0.73 -3.15
C ALA A 547 -22.80 -0.74 -2.74
N SER A 548 -22.16 -1.57 -3.57
CA SER A 548 -21.99 -2.97 -3.17
C SER A 548 -21.05 -3.09 -2.00
N THR A 549 -20.03 -2.22 -1.94
CA THR A 549 -19.04 -2.31 -0.87
C THR A 549 -19.67 -2.20 0.52
N PHE A 550 -20.82 -1.51 0.62
CA PHE A 550 -21.47 -1.16 1.87
C PHE A 550 -22.83 -1.85 1.99
N GLY A 551 -22.91 -3.07 1.44
CA GLY A 551 -24.11 -3.90 1.58
C GLY A 551 -25.34 -3.32 0.94
N GLY A 552 -25.18 -2.65 -0.18
CA GLY A 552 -26.28 -2.09 -0.91
C GLY A 552 -26.45 -0.61 -0.65
N GLU A 553 -27.67 -0.15 -0.85
CA GLU A 553 -27.95 1.28 -0.88
C GLU A 553 -28.18 1.83 0.52
N VAL A 554 -28.72 1.03 1.45
CA VAL A 554 -29.02 1.56 2.78
C VAL A 554 -27.75 1.93 3.51
N GLY A 555 -26.72 1.09 3.40
CA GLY A 555 -25.46 1.42 4.05
C GLY A 555 -24.67 2.48 3.31
N PHE A 556 -24.78 2.52 1.98
CA PHE A 556 -24.05 3.54 1.23
C PHE A 556 -24.62 4.92 1.53
N ASN A 557 -25.95 5.06 1.54
CA ASN A 557 -26.55 6.31 1.99
C ASN A 557 -26.34 6.53 3.49
N LEU A 558 -26.17 5.46 4.26
CA LEU A 558 -25.86 5.62 5.67
C LEU A 558 -24.49 6.30 5.86
N VAL A 559 -23.56 6.07 4.91
CA VAL A 559 -22.27 6.77 4.91
C VAL A 559 -22.41 8.18 4.37
N LYS A 560 -23.26 8.38 3.36
CA LYS A 560 -23.35 9.71 2.77
C LYS A 560 -24.09 10.71 3.67
N THR A 561 -25.00 10.24 4.52
CA THR A 561 -25.81 11.13 5.36
C THR A 561 -25.38 11.14 6.82
N ALA A 562 -24.20 10.61 7.14
CA ALA A 562 -23.76 10.50 8.52
C ALA A 562 -23.50 11.88 9.11
N THR A 563 -23.92 12.07 10.36
CA THR A 563 -23.63 13.30 11.07
C THR A 563 -23.33 12.95 12.54
N LEU A 564 -22.74 13.91 13.26
CA LEU A 564 -22.45 13.68 14.67
C LEU A 564 -23.73 13.49 15.46
N LYS A 565 -24.74 14.32 15.19
CA LYS A 565 -26.04 14.18 15.85
C LYS A 565 -26.67 12.82 15.57
N LYS A 566 -26.62 12.36 14.32
CA LYS A 566 -27.13 11.03 14.01
C LYS A 566 -26.37 9.95 14.78
N LEU A 567 -25.06 10.16 14.97
CA LEU A 567 -24.23 9.13 15.59
C LEU A 567 -24.56 8.96 17.06
N VAL A 568 -24.73 10.08 17.80
CA VAL A 568 -25.07 9.93 19.21
C VAL A 568 -26.57 9.64 19.37
N CYS A 569 -27.42 10.33 18.61
CA CYS A 569 -28.86 10.23 18.85
C CYS A 569 -29.46 8.91 18.38
N LEU A 570 -28.98 8.38 17.26
CA LEU A 570 -29.55 7.13 16.78
C LEU A 570 -29.23 5.97 17.71
N ASN A 571 -28.24 6.12 18.58
CA ASN A 571 -27.83 5.09 19.52
C ASN A 571 -28.18 5.48 20.95
N THR A 572 -29.31 6.16 21.14
CA THR A 572 -29.60 6.80 22.41
C THR A 572 -31.10 6.89 22.63
N LYS A 573 -31.49 7.02 23.90
CA LYS A 573 -32.90 7.17 24.22
C LYS A 573 -33.38 8.60 24.07
N THR A 574 -32.47 9.58 24.16
CA THR A 574 -32.83 10.98 23.95
C THR A 574 -31.67 11.76 23.35
N CYS A 575 -31.97 12.94 22.79
CA CYS A 575 -30.94 13.77 22.19
C CYS A 575 -30.43 14.83 23.14
N PRO A 576 -29.18 14.75 23.59
CA PRO A 576 -28.58 15.86 24.33
C PRO A 576 -28.10 16.93 23.37
N TYR A 577 -27.45 17.96 23.87
CA TYR A 577 -26.78 18.91 22.98
C TYR A 577 -25.50 18.26 22.50
N VAL A 578 -25.44 17.95 21.20
CA VAL A 578 -24.27 17.32 20.61
C VAL A 578 -23.76 18.20 19.47
N SER A 579 -22.52 18.66 19.59
CA SER A 579 -21.93 19.57 18.63
C SER A 579 -20.47 19.75 18.94
N PHE A 580 -19.69 20.07 17.91
CA PHE A 580 -18.28 20.43 18.07
C PHE A 580 -18.10 21.86 18.55
N HIS A 581 -19.19 22.58 18.77
CA HIS A 581 -19.13 23.94 19.28
C HIS A 581 -20.18 24.10 20.37
N VAL A 582 -19.91 25.03 21.28
CA VAL A 582 -20.80 25.37 22.38
C VAL A 582 -22.06 26.01 21.84
N PRO A 583 -23.10 26.14 22.63
CA PRO A 583 -24.34 26.79 22.16
C PRO A 583 -24.24 28.32 22.15
N ASP A 584 -23.23 28.84 21.44
CA ASP A 584 -22.97 30.28 21.45
C ASP A 584 -24.20 31.07 20.98
N PRO B 32 -33.47 -22.77 -1.60
CA PRO B 32 -33.47 -21.86 -2.78
C PRO B 32 -32.09 -21.71 -3.40
N VAL B 33 -32.01 -21.88 -4.72
CA VAL B 33 -30.73 -21.82 -5.41
C VAL B 33 -30.14 -20.42 -5.24
N ASN B 34 -28.87 -20.36 -4.88
CA ASN B 34 -28.20 -19.06 -4.75
C ASN B 34 -28.11 -18.36 -6.09
N PRO B 35 -28.79 -17.22 -6.27
CA PRO B 35 -28.81 -16.58 -7.60
C PRO B 35 -27.42 -16.22 -8.12
N CYS B 36 -26.46 -15.95 -7.25
CA CYS B 36 -25.15 -15.53 -7.75
C CYS B 36 -24.35 -16.65 -8.40
N CYS B 37 -24.88 -17.88 -8.47
CA CYS B 37 -24.19 -18.95 -9.19
C CYS B 37 -24.57 -19.00 -10.66
N TYR B 38 -25.66 -18.36 -11.05
CA TYR B 38 -25.92 -18.18 -12.47
C TYR B 38 -24.98 -17.16 -13.10
N TYR B 39 -24.22 -16.44 -12.28
CA TYR B 39 -23.28 -15.40 -12.70
C TYR B 39 -24.07 -14.34 -13.47
N PRO B 40 -25.17 -13.85 -12.90
CA PRO B 40 -26.03 -12.92 -13.65
C PRO B 40 -25.31 -11.66 -14.05
N CYS B 41 -24.41 -11.18 -13.20
CA CYS B 41 -23.81 -9.87 -13.39
C CYS B 41 -22.77 -9.95 -14.51
N GLN B 42 -22.93 -9.11 -15.52
CA GLN B 42 -22.05 -9.02 -16.66
C GLN B 42 -21.13 -7.81 -16.56
N HIS B 43 -19.93 -7.94 -17.12
CA HIS B 43 -19.04 -6.79 -17.31
C HIS B 43 -18.61 -6.18 -15.98
N GLN B 44 -18.16 -7.02 -15.06
CA GLN B 44 -17.60 -6.62 -13.78
C GLN B 44 -18.66 -6.12 -12.81
N GLY B 45 -19.94 -6.31 -13.11
CA GLY B 45 -20.98 -5.99 -12.14
C GLY B 45 -20.91 -6.92 -10.93
N ILE B 46 -21.18 -6.37 -9.77
CA ILE B 46 -20.98 -7.11 -8.53
C ILE B 46 -22.30 -7.76 -8.13
N CYS B 47 -22.32 -9.09 -8.06
CA CYS B 47 -23.53 -9.79 -7.64
C CYS B 47 -23.66 -9.71 -6.13
N VAL B 48 -24.81 -9.19 -5.66
CA VAL B 48 -25.08 -9.08 -4.23
C VAL B 48 -26.44 -9.72 -3.94
N ARG B 49 -26.53 -10.41 -2.81
CA ARG B 49 -27.73 -11.17 -2.50
C ARG B 49 -28.63 -10.36 -1.58
N PHE B 50 -29.91 -10.31 -1.91
CA PHE B 50 -30.90 -9.57 -1.14
C PHE B 50 -32.06 -10.50 -0.77
N GLY B 51 -32.63 -10.26 0.40
CA GLY B 51 -33.70 -11.11 0.87
C GLY B 51 -33.22 -12.54 1.00
N LEU B 52 -34.12 -13.47 0.68
CA LEU B 52 -33.84 -14.89 0.73
C LEU B 52 -33.45 -15.48 -0.63
N ASP B 53 -34.01 -14.95 -1.73
CA ASP B 53 -33.74 -15.53 -3.04
C ASP B 53 -33.54 -14.46 -4.12
N ARG B 54 -33.22 -13.23 -3.74
CA ARG B 54 -33.08 -12.16 -4.72
C ARG B 54 -31.61 -11.77 -4.86
N TYR B 55 -31.34 -11.01 -5.91
CA TYR B 55 -29.99 -10.53 -6.14
C TYR B 55 -30.09 -9.19 -6.87
N GLN B 56 -29.02 -8.41 -6.76
CA GLN B 56 -28.90 -7.15 -7.46
C GLN B 56 -27.47 -7.04 -7.95
N CYS B 57 -27.33 -6.58 -9.20
CA CYS B 57 -26.01 -6.33 -9.76
C CYS B 57 -25.64 -4.88 -9.50
N ASP B 58 -24.46 -4.67 -8.92
CA ASP B 58 -23.90 -3.33 -8.80
C ASP B 58 -23.14 -3.04 -10.09
N CYS B 59 -23.72 -2.15 -10.90
CA CYS B 59 -23.16 -1.80 -12.20
C CYS B 59 -22.42 -0.46 -12.18
N THR B 60 -21.86 -0.07 -11.03
CA THR B 60 -21.62 1.34 -10.78
C THR B 60 -20.80 2.01 -11.87
N ARG B 61 -19.57 1.56 -12.07
CA ARG B 61 -18.77 2.14 -13.14
C ARG B 61 -18.41 1.07 -14.15
N THR B 62 -19.26 0.04 -14.26
CA THR B 62 -19.05 -0.98 -15.27
C THR B 62 -19.27 -0.44 -16.67
N GLY B 63 -19.75 0.80 -16.81
CA GLY B 63 -20.04 1.33 -18.12
C GLY B 63 -21.33 0.83 -18.73
N TYR B 64 -22.04 -0.06 -18.03
CA TYR B 64 -23.29 -0.63 -18.49
C TYR B 64 -24.38 -0.38 -17.46
N SER B 65 -25.62 -0.60 -17.90
CA SER B 65 -26.82 -0.39 -17.10
C SER B 65 -27.68 -1.64 -17.15
N GLY B 66 -28.82 -1.60 -16.48
CA GLY B 66 -29.74 -2.71 -16.48
C GLY B 66 -29.58 -3.59 -15.26
N PRO B 67 -30.54 -4.49 -15.05
CA PRO B 67 -30.45 -5.38 -13.88
C PRO B 67 -29.30 -6.38 -13.93
N ASN B 68 -28.79 -6.76 -15.10
CA ASN B 68 -27.63 -7.64 -15.19
C ASN B 68 -26.37 -6.88 -15.62
N CYS B 69 -26.43 -5.56 -15.80
CA CYS B 69 -25.31 -4.76 -16.32
C CYS B 69 -25.08 -5.03 -17.82
N THR B 70 -26.16 -5.14 -18.59
CA THR B 70 -26.08 -5.48 -20.01
C THR B 70 -26.46 -4.35 -20.95
N ILE B 71 -27.07 -3.28 -20.44
CA ILE B 71 -27.46 -2.14 -21.25
C ILE B 71 -26.30 -1.17 -21.38
N PRO B 72 -25.73 -1.00 -22.58
CA PRO B 72 -24.51 -0.19 -22.71
C PRO B 72 -24.77 1.30 -22.69
N GLU B 73 -23.90 2.03 -22.01
CA GLU B 73 -23.88 3.47 -22.15
C GLU B 73 -23.38 3.85 -23.54
N ILE B 74 -23.62 5.10 -23.91
CA ILE B 74 -23.39 5.53 -25.29
C ILE B 74 -21.92 5.39 -25.65
N TRP B 75 -21.02 5.83 -24.75
CA TRP B 75 -19.60 5.75 -25.08
C TRP B 75 -19.13 4.30 -25.09
N THR B 76 -19.56 3.51 -24.10
CA THR B 76 -19.13 2.11 -24.08
C THR B 76 -19.64 1.38 -25.31
N TRP B 77 -20.85 1.70 -25.76
CA TRP B 77 -21.34 1.15 -27.01
C TRP B 77 -20.41 1.52 -28.17
N LEU B 78 -20.07 2.81 -28.26
CA LEU B 78 -19.18 3.28 -29.31
C LEU B 78 -17.83 2.56 -29.27
N ARG B 79 -17.36 2.19 -28.07
CA ARG B 79 -16.08 1.51 -27.96
C ARG B 79 -16.18 0.04 -28.34
N THR B 80 -17.24 -0.65 -27.92
CA THR B 80 -17.35 -2.07 -28.27
C THR B 80 -17.61 -2.27 -29.75
N THR B 81 -18.30 -1.32 -30.41
CA THR B 81 -18.50 -1.46 -31.86
C THR B 81 -17.24 -1.15 -32.65
N LEU B 82 -16.28 -0.45 -32.05
CA LEU B 82 -15.01 -0.14 -32.71
C LEU B 82 -13.85 -0.99 -32.20
N ARG B 83 -14.06 -1.84 -31.19
CA ARG B 83 -12.97 -2.59 -30.55
C ARG B 83 -12.57 -3.81 -31.39
N PRO B 84 -11.37 -3.83 -31.96
CA PRO B 84 -10.93 -5.00 -32.74
C PRO B 84 -10.82 -6.26 -31.90
N SER B 85 -10.78 -7.39 -32.61
CA SER B 85 -10.58 -8.69 -31.98
C SER B 85 -9.22 -8.74 -31.29
N PRO B 86 -9.12 -9.37 -30.12
CA PRO B 86 -7.79 -9.50 -29.50
C PRO B 86 -6.82 -10.24 -30.40
N SER B 87 -7.30 -11.29 -31.08
CA SER B 87 -6.46 -12.00 -32.02
C SER B 87 -6.10 -11.15 -33.24
N PHE B 88 -6.95 -10.18 -33.61
CA PHE B 88 -6.61 -9.27 -34.70
C PHE B 88 -5.46 -8.35 -34.32
N ILE B 89 -5.55 -7.75 -33.14
CA ILE B 89 -4.45 -6.93 -32.65
C ILE B 89 -3.20 -7.77 -32.45
N HIS B 90 -3.35 -9.04 -32.05
CA HIS B 90 -2.20 -9.94 -32.05
C HIS B 90 -1.63 -10.08 -33.45
N PHE B 91 -2.51 -10.10 -34.45
CA PHE B 91 -2.04 -10.16 -35.83
C PHE B 91 -1.24 -8.90 -36.16
N LEU B 92 -1.75 -7.73 -35.78
CA LEU B 92 -1.05 -6.49 -36.12
C LEU B 92 0.32 -6.44 -35.46
N LEU B 93 0.38 -6.76 -34.15
CA LEU B 93 1.65 -6.64 -33.45
C LEU B 93 2.67 -7.66 -33.93
N THR B 94 2.25 -8.76 -34.56
CA THR B 94 3.14 -9.83 -34.98
C THR B 94 3.40 -9.85 -36.49
N HIS B 95 3.02 -8.81 -37.23
CA HIS B 95 3.21 -8.77 -38.67
C HIS B 95 3.65 -7.37 -39.08
N GLY B 96 4.18 -7.27 -40.30
CA GLY B 96 4.53 -5.98 -40.89
C GLY B 96 5.81 -5.34 -40.39
N ARG B 97 6.95 -6.03 -40.57
CA ARG B 97 8.20 -5.54 -40.02
C ARG B 97 8.50 -4.11 -40.47
N TRP B 98 8.11 -3.74 -41.69
CA TRP B 98 8.42 -2.39 -42.20
C TRP B 98 7.72 -1.31 -41.39
N LEU B 99 6.39 -1.42 -41.28
CA LEU B 99 5.60 -0.50 -40.46
C LEU B 99 6.15 -0.38 -39.06
N TRP B 100 6.54 -1.50 -38.44
CA TRP B 100 7.03 -1.44 -37.06
C TRP B 100 8.45 -0.91 -36.97
N ASP B 101 9.25 -1.02 -38.05
CA ASP B 101 10.51 -0.30 -38.09
C ASP B 101 10.26 1.18 -38.00
N PHE B 102 9.26 1.66 -38.75
CA PHE B 102 8.91 3.06 -38.62
C PHE B 102 8.40 3.39 -37.21
N VAL B 103 7.44 2.61 -36.70
CA VAL B 103 6.85 2.92 -35.40
C VAL B 103 7.93 2.95 -34.32
N ASN B 104 8.79 1.93 -34.32
CA ASN B 104 9.84 1.88 -33.31
C ASN B 104 10.81 3.05 -33.42
N ALA B 105 11.06 3.52 -34.65
CA ALA B 105 11.99 4.64 -34.84
C ALA B 105 11.40 6.01 -34.52
N THR B 106 10.11 6.10 -34.19
CA THR B 106 9.47 7.38 -33.96
C THR B 106 8.88 7.42 -32.55
N PHE B 107 8.13 8.49 -32.29
CA PHE B 107 7.53 8.68 -30.98
C PHE B 107 6.34 7.76 -30.75
N ILE B 108 5.70 7.27 -31.82
CA ILE B 108 4.57 6.37 -31.61
C ILE B 108 5.01 5.13 -30.82
N ARG B 109 6.28 4.73 -30.96
CA ARG B 109 6.81 3.63 -30.16
C ARG B 109 6.55 3.88 -28.68
N ASP B 110 6.56 5.12 -28.23
CA ASP B 110 6.21 5.45 -26.85
C ASP B 110 4.70 5.43 -26.64
N THR B 111 3.94 6.13 -27.49
CA THR B 111 2.51 6.25 -27.24
C THR B 111 1.87 4.86 -27.16
N LEU B 112 2.17 3.99 -28.12
CA LEU B 112 1.68 2.62 -28.06
C LEU B 112 2.04 1.96 -26.74
N MET B 113 3.31 2.07 -26.32
CA MET B 113 3.69 1.47 -25.05
C MET B 113 2.78 2.01 -23.94
N ARG B 114 2.61 3.33 -23.87
CA ARG B 114 1.77 3.90 -22.83
C ARG B 114 0.36 3.33 -22.91
N LEU B 115 -0.10 3.06 -24.12
CA LEU B 115 -1.41 2.45 -24.29
C LEU B 115 -1.41 1.04 -23.73
N VAL B 116 -0.44 0.23 -24.15
CA VAL B 116 -0.31 -1.14 -23.63
C VAL B 116 -0.33 -1.14 -22.11
N LEU B 117 0.55 -0.33 -21.49
CA LEU B 117 0.59 -0.28 -20.03
C LEU B 117 -0.77 0.09 -19.44
N THR B 118 -1.44 1.07 -20.04
CA THR B 118 -2.64 1.61 -19.42
C THR B 118 -3.84 0.70 -19.58
N VAL B 119 -4.09 0.25 -20.80
CA VAL B 119 -5.26 -0.56 -21.05
C VAL B 119 -5.17 -1.89 -20.31
N ARG B 120 -3.97 -2.47 -20.24
CA ARG B 120 -3.78 -3.72 -19.52
C ARG B 120 -3.98 -3.55 -18.02
N SER B 121 -3.18 -2.66 -17.41
CA SER B 121 -3.20 -2.51 -15.95
C SER B 121 -4.59 -2.16 -15.42
N ASN B 122 -5.45 -1.56 -16.25
CA ASN B 122 -6.77 -1.15 -15.81
C ASN B 122 -7.67 -2.34 -15.51
N LEU B 123 -7.38 -3.51 -16.09
CA LEU B 123 -8.24 -4.66 -15.83
C LEU B 123 -8.10 -5.18 -14.42
N ILE B 124 -7.02 -4.82 -13.72
CA ILE B 124 -6.77 -5.38 -12.40
C ILE B 124 -7.21 -4.37 -11.34
N PRO B 125 -7.85 -4.85 -10.27
CA PRO B 125 -8.36 -3.93 -9.24
C PRO B 125 -7.23 -3.37 -8.38
N SER B 126 -7.30 -2.08 -8.12
CA SER B 126 -6.31 -1.43 -7.28
C SER B 126 -7.02 -0.29 -6.56
N PRO B 127 -7.17 -0.37 -5.23
CA PRO B 127 -6.61 -1.40 -4.35
C PRO B 127 -7.21 -2.79 -4.56
N PRO B 128 -6.63 -3.81 -3.94
CA PRO B 128 -7.13 -5.19 -4.12
C PRO B 128 -8.56 -5.32 -3.63
N THR B 129 -9.22 -6.39 -4.08
CA THR B 129 -10.63 -6.61 -3.76
C THR B 129 -10.91 -7.84 -2.90
N TYR B 130 -10.56 -9.04 -3.34
CA TYR B 130 -11.05 -10.28 -2.75
C TYR B 130 -9.89 -11.13 -2.26
N ASN B 131 -10.22 -12.23 -1.56
CA ASN B 131 -9.25 -13.23 -1.13
C ASN B 131 -9.95 -14.56 -0.84
N ILE B 132 -9.16 -15.56 -0.46
CA ILE B 132 -9.70 -16.91 -0.24
C ILE B 132 -10.84 -16.90 0.77
N ALA B 133 -10.84 -15.95 1.69
CA ALA B 133 -11.83 -15.92 2.77
C ALA B 133 -13.01 -14.97 2.54
N HIS B 134 -12.88 -13.95 1.68
CA HIS B 134 -13.93 -12.96 1.53
C HIS B 134 -14.27 -12.76 0.05
N ASP B 135 -15.51 -13.07 -0.33
CA ASP B 135 -16.03 -12.76 -1.66
C ASP B 135 -16.73 -11.41 -1.67
N TYR B 136 -16.04 -10.37 -1.18
CA TYR B 136 -16.57 -9.02 -1.05
C TYR B 136 -15.49 -8.10 -0.53
N ILE B 137 -15.65 -6.80 -0.79
CA ILE B 137 -14.66 -5.82 -0.36
C ILE B 137 -14.72 -5.71 1.15
N SER B 138 -13.56 -5.76 1.79
CA SER B 138 -13.51 -5.73 3.25
C SER B 138 -12.22 -5.07 3.70
N TRP B 139 -12.25 -4.54 4.92
CA TRP B 139 -11.00 -3.99 5.45
C TRP B 139 -9.98 -5.09 5.70
N GLU B 140 -10.42 -6.30 6.03
CA GLU B 140 -9.47 -7.37 6.29
C GLU B 140 -8.75 -7.80 5.01
N SER B 141 -9.50 -7.99 3.92
CA SER B 141 -8.87 -8.30 2.64
C SER B 141 -7.89 -7.20 2.22
N PHE B 142 -8.17 -5.95 2.61
CA PHE B 142 -7.23 -4.87 2.31
C PHE B 142 -5.99 -4.92 3.19
N SER B 143 -6.15 -5.23 4.48
CA SER B 143 -5.07 -5.09 5.46
C SER B 143 -4.14 -6.29 5.44
N ASN B 144 -4.70 -7.48 5.60
CA ASN B 144 -3.93 -8.69 5.82
C ASN B 144 -3.20 -9.13 4.56
N VAL B 145 -1.95 -8.72 4.39
CA VAL B 145 -1.23 -8.97 3.13
C VAL B 145 -0.74 -10.39 2.97
N SER B 146 -0.97 -11.27 3.95
CA SER B 146 -0.55 -12.66 3.78
C SER B 146 -1.53 -13.46 2.92
N TYR B 147 -2.72 -12.93 2.66
CA TYR B 147 -3.61 -13.51 1.65
C TYR B 147 -3.10 -13.23 0.24
N TYR B 148 -3.33 -14.18 -0.66
CA TYR B 148 -3.37 -13.82 -2.06
C TYR B 148 -4.71 -13.13 -2.30
N THR B 149 -4.71 -12.16 -3.21
CA THR B 149 -5.94 -11.47 -3.58
C THR B 149 -6.71 -12.33 -4.58
N ARG B 150 -7.73 -11.76 -5.20
CA ARG B 150 -8.59 -12.55 -6.06
C ARG B 150 -9.28 -11.65 -7.08
N ILE B 151 -9.25 -12.04 -8.36
CA ILE B 151 -9.86 -11.22 -9.41
C ILE B 151 -11.37 -11.49 -9.50
N LEU B 152 -11.75 -12.77 -9.62
CA LEU B 152 -13.16 -13.11 -9.59
C LEU B 152 -13.51 -13.79 -8.27
N PRO B 153 -14.74 -13.60 -7.76
CA PRO B 153 -15.10 -14.19 -6.47
C PRO B 153 -15.11 -15.71 -6.51
N SER B 154 -15.43 -16.33 -5.36
CA SER B 154 -15.51 -17.78 -5.29
C SER B 154 -16.80 -18.26 -5.93
N VAL B 155 -16.88 -19.58 -6.14
CA VAL B 155 -18.15 -20.18 -6.50
C VAL B 155 -18.93 -20.42 -5.21
N PRO B 156 -20.10 -19.82 -5.03
CA PRO B 156 -20.84 -20.02 -3.77
C PRO B 156 -21.06 -21.50 -3.48
N ARG B 157 -20.83 -21.87 -2.22
CA ARG B 157 -20.88 -23.28 -1.83
C ARG B 157 -22.29 -23.83 -1.87
N ASP B 158 -23.30 -22.97 -1.70
CA ASP B 158 -24.69 -23.40 -1.74
C ASP B 158 -25.20 -23.49 -3.16
N CYS B 159 -24.50 -24.24 -4.01
CA CYS B 159 -24.91 -24.38 -5.41
C CYS B 159 -24.64 -25.79 -5.90
N PRO B 160 -25.48 -26.28 -6.80
CA PRO B 160 -25.45 -27.71 -7.15
C PRO B 160 -24.12 -28.13 -7.73
N THR B 161 -23.72 -27.47 -8.80
CA THR B 161 -22.46 -27.78 -9.48
C THR B 161 -21.29 -27.17 -8.71
N PRO B 162 -20.15 -27.85 -8.68
CA PRO B 162 -18.94 -27.24 -8.11
C PRO B 162 -18.41 -26.07 -8.94
N MET B 163 -18.88 -25.89 -10.18
CA MET B 163 -18.50 -24.77 -11.01
C MET B 163 -19.67 -23.81 -11.22
N ASP B 164 -20.59 -23.76 -10.27
CA ASP B 164 -21.79 -22.96 -10.40
C ASP B 164 -23.01 -23.81 -10.63
N THR B 165 -23.51 -23.84 -11.87
CA THR B 165 -24.70 -24.61 -12.21
C THR B 165 -24.55 -25.49 -13.42
N LYS B 166 -23.53 -25.30 -14.24
CA LYS B 166 -23.33 -26.07 -15.46
C LYS B 166 -22.25 -27.12 -15.22
N GLY B 167 -22.44 -28.30 -15.79
CA GLY B 167 -21.46 -29.36 -15.68
C GLY B 167 -21.96 -30.52 -14.85
N LYS B 168 -21.03 -31.41 -14.49
CA LYS B 168 -21.36 -32.58 -13.70
C LYS B 168 -21.44 -32.19 -12.23
N LYS B 169 -22.12 -33.03 -11.44
CA LYS B 169 -22.20 -32.76 -10.01
C LYS B 169 -20.88 -33.10 -9.32
N GLN B 170 -20.03 -33.89 -9.96
CA GLN B 170 -18.62 -34.05 -9.60
C GLN B 170 -17.82 -34.03 -10.89
N LEU B 171 -16.80 -33.20 -10.94
CA LEU B 171 -16.09 -32.94 -12.19
C LEU B 171 -14.83 -33.78 -12.30
N PRO B 172 -14.19 -33.76 -13.48
CA PRO B 172 -13.26 -34.84 -13.84
C PRO B 172 -12.12 -35.03 -12.86
N ASP B 173 -11.56 -36.25 -12.90
CA ASP B 173 -10.38 -36.57 -12.10
C ASP B 173 -9.25 -35.62 -12.45
N ALA B 174 -8.37 -35.38 -11.47
CA ALA B 174 -7.30 -34.40 -11.66
C ALA B 174 -6.11 -35.01 -12.40
N GLU B 175 -5.68 -36.20 -11.99
CA GLU B 175 -4.52 -36.82 -12.63
C GLU B 175 -4.89 -37.57 -13.89
N PHE B 176 -6.18 -37.80 -14.15
CA PHE B 176 -6.57 -38.30 -15.47
C PHE B 176 -6.49 -37.20 -16.52
N LEU B 177 -7.06 -36.03 -16.21
CA LEU B 177 -6.80 -34.87 -17.04
C LEU B 177 -5.31 -34.66 -17.21
N SER B 178 -4.59 -34.56 -16.10
CA SER B 178 -3.16 -34.25 -16.18
C SER B 178 -2.40 -35.29 -16.99
N ARG B 179 -2.79 -36.56 -16.87
CA ARG B 179 -2.02 -37.62 -17.53
C ARG B 179 -2.36 -37.75 -19.01
N ARG B 180 -3.63 -37.61 -19.37
CA ARG B 180 -4.08 -37.82 -20.74
C ARG B 180 -4.12 -36.55 -21.58
N PHE B 181 -4.02 -35.39 -20.96
CA PHE B 181 -4.13 -34.11 -21.65
C PHE B 181 -2.93 -33.20 -21.48
N LEU B 182 -2.17 -33.34 -20.39
CA LEU B 182 -0.98 -32.53 -20.16
C LEU B 182 0.32 -33.31 -20.21
N LEU B 183 0.28 -34.64 -20.20
CA LEU B 183 1.51 -35.42 -20.16
C LEU B 183 2.25 -35.35 -21.50
N ARG B 184 3.53 -35.04 -21.44
CA ARG B 184 4.34 -34.92 -22.65
C ARG B 184 4.53 -36.30 -23.25
N ARG B 185 3.95 -36.51 -24.42
CA ARG B 185 4.20 -37.75 -25.14
C ARG B 185 5.52 -37.65 -25.90
N LYS B 186 5.67 -36.62 -26.74
CA LYS B 186 6.94 -36.28 -27.35
C LYS B 186 7.20 -34.80 -27.09
N PHE B 187 8.49 -34.44 -27.07
CA PHE B 187 8.84 -33.05 -26.79
C PHE B 187 8.37 -32.15 -27.93
N ILE B 188 7.63 -31.11 -27.58
CA ILE B 188 7.22 -30.08 -28.55
C ILE B 188 7.98 -28.79 -28.25
N PRO B 189 9.03 -28.45 -29.00
CA PRO B 189 9.81 -27.25 -28.68
C PRO B 189 9.04 -25.97 -28.96
N ASP B 190 9.44 -24.93 -28.23
CA ASP B 190 8.85 -23.60 -28.40
C ASP B 190 9.04 -23.11 -29.81
N PRO B 191 7.96 -22.83 -30.55
CA PRO B 191 8.12 -22.32 -31.92
C PRO B 191 8.84 -21.00 -31.98
N GLN B 192 9.04 -20.34 -30.85
CA GLN B 192 9.37 -18.92 -30.78
C GLN B 192 10.80 -18.67 -30.31
N SER B 193 11.60 -19.73 -30.16
CA SER B 193 13.01 -19.60 -29.86
C SER B 193 13.37 -19.67 -28.39
N THR B 194 12.40 -19.81 -27.50
CA THR B 194 12.66 -19.72 -26.08
C THR B 194 13.57 -20.85 -25.63
N ASN B 195 14.52 -20.51 -24.75
CA ASN B 195 15.55 -21.43 -24.28
C ASN B 195 15.43 -21.64 -22.77
N LEU B 196 16.31 -22.49 -22.22
CA LEU B 196 16.25 -22.74 -20.79
C LEU B 196 16.79 -21.56 -19.99
N MET B 197 17.77 -20.84 -20.52
CA MET B 197 18.24 -19.64 -19.84
C MET B 197 17.09 -18.69 -19.58
N PHE B 198 16.04 -18.76 -20.40
CA PHE B 198 14.79 -18.05 -20.14
C PHE B 198 13.97 -18.72 -19.05
N ALA B 199 13.66 -20.01 -19.22
CA ALA B 199 12.74 -20.68 -18.30
C ALA B 199 13.23 -20.59 -16.87
N PHE B 200 14.52 -20.86 -16.64
CA PHE B 200 15.10 -20.66 -15.32
C PHE B 200 14.92 -19.22 -14.84
N PHE B 201 15.11 -18.24 -15.73
CA PHE B 201 14.88 -16.86 -15.34
C PHE B 201 13.44 -16.67 -14.88
N ALA B 202 12.49 -17.31 -15.58
CA ALA B 202 11.08 -17.18 -15.23
C ALA B 202 10.79 -17.78 -13.87
N GLN B 203 11.39 -18.94 -13.58
CA GLN B 203 11.20 -19.57 -12.29
C GLN B 203 11.79 -18.71 -11.17
N HIS B 204 13.10 -18.42 -11.27
CA HIS B 204 13.80 -17.59 -10.29
C HIS B 204 13.10 -16.26 -10.08
N PHE B 205 12.88 -15.52 -11.16
CA PHE B 205 12.19 -14.23 -11.09
C PHE B 205 10.83 -14.38 -10.42
N THR B 206 10.12 -15.47 -10.73
CA THR B 206 8.74 -15.62 -10.28
C THR B 206 8.62 -15.97 -8.82
N HIS B 207 9.59 -16.71 -8.28
CA HIS B 207 9.47 -17.16 -6.92
C HIS B 207 9.82 -16.09 -5.91
N GLN B 208 10.03 -14.84 -6.36
CA GLN B 208 10.14 -13.75 -5.39
C GLN B 208 8.78 -13.27 -4.92
N PHE B 209 7.71 -13.57 -5.66
CA PHE B 209 6.38 -13.15 -5.27
C PHE B 209 5.36 -14.29 -5.24
N PHE B 210 5.75 -15.50 -5.58
CA PHE B 210 4.93 -16.70 -5.42
C PHE B 210 5.58 -17.58 -4.36
N LYS B 211 5.06 -17.51 -3.13
CA LYS B 211 5.57 -18.28 -1.99
C LYS B 211 4.41 -18.86 -1.18
N THR B 212 3.51 -19.59 -1.84
CA THR B 212 2.40 -20.21 -1.14
C THR B 212 2.94 -21.01 0.04
N SER B 213 2.37 -20.80 1.24
CA SER B 213 2.84 -21.44 2.47
C SER B 213 1.96 -22.67 2.77
N GLY B 214 2.56 -23.86 2.70
CA GLY B 214 1.81 -25.05 3.06
C GLY B 214 1.34 -25.03 4.50
N LYS B 215 1.98 -24.23 5.35
CA LYS B 215 1.57 -24.18 6.76
C LYS B 215 0.25 -23.44 6.94
N MET B 216 0.07 -22.29 6.29
CA MET B 216 -1.21 -21.59 6.40
C MET B 216 -2.26 -22.09 5.42
N GLY B 217 -1.85 -22.71 4.32
CA GLY B 217 -2.77 -23.34 3.42
C GLY B 217 -2.77 -22.72 2.05
N PRO B 218 -3.82 -22.97 1.27
CA PRO B 218 -3.89 -22.38 -0.06
C PRO B 218 -4.31 -20.92 0.02
N GLY B 219 -3.89 -20.15 -0.98
CA GLY B 219 -4.20 -18.74 -1.03
C GLY B 219 -3.54 -17.89 0.04
N PHE B 220 -2.32 -18.26 0.47
CA PHE B 220 -1.56 -17.51 1.46
C PHE B 220 -0.09 -17.47 1.05
N THR B 221 0.62 -16.40 1.39
CA THR B 221 1.99 -16.23 0.92
C THR B 221 2.91 -15.92 2.00
N LYS B 222 4.12 -16.22 1.75
CA LYS B 222 5.24 -15.78 2.58
C LYS B 222 5.93 -14.54 2.01
N ALA B 223 5.72 -14.25 0.73
CA ALA B 223 6.35 -13.09 0.08
C ALA B 223 5.38 -11.93 0.17
N LEU B 224 5.53 -11.12 1.21
CA LEU B 224 4.59 -10.04 1.46
C LEU B 224 4.87 -8.81 0.63
N GLY B 225 5.99 -8.77 -0.09
CA GLY B 225 6.25 -7.68 -1.01
C GLY B 225 5.27 -7.64 -2.17
N HIS B 226 4.79 -8.81 -2.60
CA HIS B 226 3.80 -8.89 -3.67
C HIS B 226 4.28 -8.35 -5.01
N GLY B 227 5.58 -8.21 -5.19
CA GLY B 227 6.11 -7.66 -6.42
C GLY B 227 7.59 -7.93 -6.62
N VAL B 228 8.25 -7.03 -7.35
CA VAL B 228 9.70 -7.16 -7.59
C VAL B 228 10.38 -6.41 -6.45
N ASP B 229 10.43 -7.06 -5.30
CA ASP B 229 11.15 -6.54 -4.15
C ASP B 229 12.48 -7.26 -3.97
N LEU B 230 12.74 -8.28 -4.80
CA LEU B 230 13.92 -9.12 -4.69
C LEU B 230 13.97 -9.83 -3.34
N GLY B 231 12.79 -10.11 -2.78
CA GLY B 231 12.68 -10.96 -1.61
C GLY B 231 13.22 -12.36 -1.84
N HIS B 232 13.41 -12.76 -3.09
CA HIS B 232 14.06 -14.02 -3.42
C HIS B 232 15.59 -13.89 -3.43
N ILE B 233 16.12 -12.69 -3.21
CA ILE B 233 17.55 -12.46 -3.12
C ILE B 233 17.93 -11.99 -1.72
N TYR B 234 17.01 -11.26 -1.06
CA TYR B 234 17.31 -10.66 0.23
C TYR B 234 16.49 -11.24 1.37
N GLY B 235 15.40 -11.95 1.09
CA GLY B 235 14.67 -12.70 2.09
C GLY B 235 13.28 -12.14 2.35
N ASP B 236 12.43 -13.03 2.90
CA ASP B 236 11.08 -12.68 3.28
C ASP B 236 11.03 -11.75 4.48
N ASN B 237 12.14 -11.64 5.22
CA ASN B 237 12.13 -10.91 6.48
C ASN B 237 13.51 -10.33 6.73
N LEU B 238 13.58 -9.39 7.68
CA LEU B 238 14.84 -8.73 7.95
C LEU B 238 15.85 -9.68 8.60
N GLU B 239 15.38 -10.76 9.21
CA GLU B 239 16.30 -11.72 9.83
C GLU B 239 17.26 -12.30 8.80
N ARG B 240 16.71 -12.99 7.79
CA ARG B 240 17.54 -13.61 6.74
C ARG B 240 18.43 -12.57 6.08
N GLN B 241 17.89 -11.37 5.89
CA GLN B 241 18.63 -10.28 5.29
C GLN B 241 19.89 -9.98 6.11
N TYR B 242 19.73 -9.79 7.42
CA TYR B 242 20.88 -9.54 8.28
C TYR B 242 21.85 -10.72 8.30
N GLN B 243 21.32 -11.93 8.25
CA GLN B 243 22.19 -13.10 8.25
C GLN B 243 22.78 -13.38 6.88
N LEU B 244 22.48 -12.56 5.89
CA LEU B 244 22.96 -12.76 4.53
C LEU B 244 23.93 -11.69 4.04
N ARG B 245 23.86 -10.46 4.57
CA ARG B 245 24.80 -9.45 4.13
C ARG B 245 25.98 -9.33 5.09
N LEU B 246 27.12 -8.92 4.52
CA LEU B 246 28.40 -8.92 5.22
C LEU B 246 28.57 -7.72 6.13
N PHE B 247 27.74 -6.68 5.98
CA PHE B 247 27.75 -5.49 6.82
C PHE B 247 29.04 -4.68 6.71
N LYS B 248 29.75 -4.82 5.59
CA LYS B 248 30.91 -3.98 5.27
C LYS B 248 30.76 -3.52 3.83
N ASP B 249 30.70 -2.20 3.63
CA ASP B 249 30.56 -1.61 2.32
C ASP B 249 29.23 -2.00 1.66
N GLY B 250 28.26 -2.43 2.47
CA GLY B 250 26.93 -2.74 1.99
C GLY B 250 26.81 -4.02 1.20
N LYS B 251 27.87 -4.81 1.15
CA LYS B 251 27.86 -6.02 0.33
C LYS B 251 27.10 -7.13 1.04
N LEU B 252 27.06 -8.28 0.38
CA LEU B 252 26.50 -9.53 0.90
C LEU B 252 27.62 -10.54 1.12
N LYS B 253 27.37 -11.49 2.01
CA LYS B 253 28.34 -12.54 2.27
C LYS B 253 28.51 -13.41 1.02
N TYR B 254 29.66 -14.06 0.90
CA TYR B 254 29.93 -14.80 -0.32
C TYR B 254 31.14 -15.71 -0.13
N GLN B 255 31.05 -16.92 -0.67
CA GLN B 255 32.20 -17.82 -0.78
C GLN B 255 33.04 -17.47 -2.01
N MET B 256 34.23 -18.05 -2.08
CA MET B 256 35.06 -17.94 -3.28
C MET B 256 35.70 -19.30 -3.58
N LEU B 257 35.11 -19.99 -4.54
CA LEU B 257 35.49 -21.34 -4.94
C LEU B 257 36.10 -21.31 -6.33
N ASN B 258 37.26 -21.95 -6.49
CA ASN B 258 37.96 -22.00 -7.78
C ASN B 258 38.38 -20.61 -8.27
N GLY B 259 38.46 -19.62 -7.39
CA GLY B 259 38.73 -18.25 -7.78
C GLY B 259 37.52 -17.44 -8.15
N GLU B 260 36.34 -18.05 -8.18
CA GLU B 260 35.09 -17.40 -8.57
C GLU B 260 34.22 -17.12 -7.34
N VAL B 261 33.35 -16.11 -7.48
CA VAL B 261 32.50 -15.65 -6.39
C VAL B 261 31.19 -16.43 -6.40
N TYR B 262 30.77 -16.90 -5.21
CA TYR B 262 29.53 -17.68 -5.05
C TYR B 262 28.81 -17.27 -3.78
N PRO B 263 27.60 -17.77 -3.54
CA PRO B 263 26.92 -17.47 -2.27
C PRO B 263 27.63 -18.18 -1.13
N PRO B 264 27.51 -17.67 0.09
CA PRO B 264 28.12 -18.33 1.25
C PRO B 264 27.27 -19.52 1.73
N SER B 265 27.89 -20.34 2.59
CA SER B 265 27.22 -21.52 3.11
C SER B 265 26.49 -21.20 4.40
N VAL B 266 25.66 -22.14 4.84
CA VAL B 266 24.92 -21.95 6.08
C VAL B 266 25.87 -21.86 7.27
N GLU B 267 27.14 -22.27 7.10
CA GLU B 267 28.13 -22.10 8.15
C GLU B 267 28.45 -20.62 8.41
N GLU B 268 28.63 -19.85 7.34
CA GLU B 268 28.94 -18.42 7.48
C GLU B 268 27.69 -17.53 7.49
N ALA B 269 26.59 -17.97 6.85
CA ALA B 269 25.34 -17.21 6.79
C ALA B 269 24.20 -18.14 7.16
N PRO B 270 24.06 -18.47 8.43
CA PRO B 270 23.10 -19.53 8.81
C PRO B 270 21.65 -19.10 8.70
N VAL B 271 20.95 -19.55 7.66
CA VAL B 271 19.55 -19.21 7.46
C VAL B 271 18.79 -20.44 6.97
N LEU B 272 17.50 -20.50 7.32
CA LEU B 272 16.69 -21.65 6.98
C LEU B 272 16.65 -21.83 5.47
N MET B 273 17.02 -23.03 5.00
CA MET B 273 16.96 -23.35 3.58
C MET B 273 16.77 -24.85 3.36
N HIS B 274 15.80 -25.19 2.51
CA HIS B 274 15.49 -26.57 2.23
C HIS B 274 16.57 -27.20 1.36
N TYR B 275 17.07 -28.35 1.81
CA TYR B 275 18.07 -29.14 1.08
C TYR B 275 17.80 -30.60 1.38
N PRO B 276 18.52 -31.50 0.72
CA PRO B 276 18.51 -32.91 1.14
C PRO B 276 19.23 -33.09 2.47
N ARG B 277 18.81 -34.12 3.20
CA ARG B 277 19.21 -34.28 4.58
C ARG B 277 20.61 -34.86 4.76
N GLY B 278 21.41 -34.97 3.70
CA GLY B 278 22.72 -35.61 3.86
C GLY B 278 23.93 -34.82 3.39
N ILE B 279 23.72 -33.84 2.51
CA ILE B 279 24.82 -33.10 1.89
C ILE B 279 25.58 -32.35 2.97
N PRO B 280 26.88 -32.13 2.80
CA PRO B 280 27.68 -31.44 3.83
C PRO B 280 27.23 -30.01 4.03
N PRO B 281 27.60 -29.36 5.15
CA PRO B 281 27.22 -27.96 5.36
C PRO B 281 28.02 -26.98 4.53
N GLN B 282 29.26 -27.35 4.21
CA GLN B 282 30.09 -26.53 3.34
C GLN B 282 29.68 -26.67 1.87
N SER B 283 28.63 -27.43 1.58
CA SER B 283 28.13 -27.58 0.22
C SER B 283 26.79 -26.88 -0.02
N GLN B 284 26.06 -26.50 1.03
CA GLN B 284 24.90 -25.65 0.84
C GLN B 284 25.32 -24.23 0.50
N MET B 285 24.34 -23.40 0.18
CA MET B 285 24.57 -21.99 -0.06
C MET B 285 23.36 -21.22 0.46
N ALA B 286 23.58 -19.94 0.78
CA ALA B 286 22.55 -19.08 1.38
C ALA B 286 22.14 -17.99 0.38
N VAL B 287 20.83 -17.92 0.09
CA VAL B 287 20.35 -17.08 -1.02
C VAL B 287 19.23 -16.13 -0.62
N GLY B 288 18.18 -16.65 -0.01
CA GLY B 288 17.03 -15.81 0.29
C GLY B 288 15.72 -16.44 -0.08
N GLN B 289 15.74 -17.26 -1.13
CA GLN B 289 14.63 -18.15 -1.46
C GLN B 289 14.96 -19.55 -0.96
N GLU B 290 14.10 -20.10 -0.10
CA GLU B 290 14.45 -21.33 0.60
C GLU B 290 14.66 -22.50 -0.35
N VAL B 291 14.06 -22.46 -1.53
CA VAL B 291 14.06 -23.62 -2.41
C VAL B 291 15.17 -23.58 -3.45
N PHE B 292 15.86 -22.45 -3.63
CA PHE B 292 16.84 -22.28 -4.71
C PHE B 292 18.01 -23.25 -4.63
N GLY B 293 18.21 -23.95 -3.50
CA GLY B 293 19.26 -24.95 -3.46
C GLY B 293 18.99 -26.15 -4.35
N LEU B 294 17.71 -26.42 -4.61
CA LEU B 294 17.33 -27.64 -5.33
C LEU B 294 17.81 -27.61 -6.78
N LEU B 295 17.27 -26.69 -7.58
CA LEU B 295 17.69 -26.74 -8.99
C LEU B 295 18.93 -25.88 -9.22
N PRO B 296 19.85 -26.36 -10.07
CA PRO B 296 21.05 -25.55 -10.34
C PRO B 296 20.79 -24.24 -11.07
N GLY B 297 19.74 -24.14 -11.90
CA GLY B 297 19.47 -22.88 -12.57
C GLY B 297 19.10 -21.79 -11.59
N LEU B 298 18.27 -22.12 -10.61
CA LEU B 298 17.88 -21.15 -9.60
C LEU B 298 19.10 -20.62 -8.86
N MET B 299 19.97 -21.52 -8.37
CA MET B 299 21.16 -21.09 -7.66
C MET B 299 22.11 -20.33 -8.58
N LEU B 300 22.05 -20.63 -9.84
CA LEU B 300 22.79 -19.85 -10.81
C LEU B 300 22.38 -18.44 -10.97
N TYR B 301 21.10 -18.16 -10.99
CA TYR B 301 20.63 -16.79 -10.95
C TYR B 301 20.93 -16.15 -9.60
N ALA B 302 20.76 -16.90 -8.51
CA ALA B 302 21.14 -16.37 -7.21
C ALA B 302 22.59 -15.88 -7.23
N THR B 303 23.48 -16.64 -7.88
CA THR B 303 24.90 -16.30 -7.97
C THR B 303 25.11 -15.02 -8.76
N ILE B 304 24.56 -14.96 -9.98
CA ILE B 304 24.82 -13.83 -10.85
C ILE B 304 24.20 -12.55 -10.28
N TRP B 305 23.03 -12.65 -9.65
CA TRP B 305 22.46 -11.49 -8.97
C TRP B 305 23.34 -11.03 -7.83
N LEU B 306 23.76 -11.96 -6.96
CA LEU B 306 24.61 -11.58 -5.83
C LEU B 306 25.87 -10.87 -6.32
N ARG B 307 26.56 -11.45 -7.30
CA ARG B 307 27.73 -10.79 -7.87
C ARG B 307 27.37 -9.38 -8.32
N GLU B 308 26.22 -9.24 -8.97
CA GLU B 308 25.77 -7.92 -9.39
C GLU B 308 25.67 -6.98 -8.20
N HIS B 309 24.97 -7.40 -7.14
CA HIS B 309 24.80 -6.55 -5.98
C HIS B 309 26.15 -6.07 -5.45
N ASN B 310 27.08 -7.00 -5.23
CA ASN B 310 28.35 -6.55 -4.67
C ASN B 310 29.08 -5.61 -5.63
N ARG B 311 28.97 -5.85 -6.94
CA ARG B 311 29.58 -4.93 -7.92
C ARG B 311 28.96 -3.54 -7.81
N VAL B 312 27.63 -3.46 -7.67
CA VAL B 312 26.96 -2.18 -7.50
C VAL B 312 27.43 -1.50 -6.22
N CYS B 313 27.61 -2.28 -5.14
CA CYS B 313 28.13 -1.69 -3.91
C CYS B 313 29.50 -1.06 -4.17
N ASP B 314 30.36 -1.74 -4.91
CA ASP B 314 31.65 -1.16 -5.26
C ASP B 314 31.48 0.16 -6.01
N LEU B 315 30.59 0.18 -7.01
CA LEU B 315 30.38 1.39 -7.79
C LEU B 315 29.86 2.55 -6.95
N LEU B 316 28.97 2.25 -5.99
CA LEU B 316 28.45 3.30 -5.12
C LEU B 316 29.55 3.88 -4.24
N LYS B 317 30.26 3.04 -3.51
CA LYS B 317 31.30 3.50 -2.65
C LYS B 317 32.41 4.17 -3.36
N ALA B 318 32.58 3.96 -4.64
CA ALA B 318 33.55 4.73 -5.40
C ALA B 318 33.20 6.23 -5.39
N GLU B 319 31.91 6.57 -5.40
CA GLU B 319 31.51 7.96 -5.42
C GLU B 319 31.03 8.48 -4.08
N HIS B 320 30.72 7.61 -3.15
CA HIS B 320 30.12 8.01 -1.87
C HIS B 320 30.95 7.45 -0.73
N PRO B 321 32.17 7.95 -0.56
CA PRO B 321 33.04 7.42 0.50
C PRO B 321 32.46 7.56 1.88
N THR B 322 31.46 8.43 2.04
CA THR B 322 30.94 8.81 3.35
C THR B 322 29.73 7.98 3.80
N TRP B 323 29.08 7.26 2.88
CA TRP B 323 27.89 6.50 3.24
C TRP B 323 28.22 5.32 4.15
N GLY B 324 27.34 5.08 5.13
CA GLY B 324 27.42 3.89 5.96
C GLY B 324 27.06 2.64 5.19
N ASP B 325 27.07 1.51 5.90
CA ASP B 325 26.82 0.23 5.23
C ASP B 325 25.40 0.17 4.69
N GLU B 326 24.42 0.53 5.54
CA GLU B 326 23.04 0.20 5.19
C GLU B 326 22.51 1.06 4.03
N GLN B 327 23.08 2.24 3.81
CA GLN B 327 22.67 3.02 2.64
C GLN B 327 23.24 2.42 1.36
N LEU B 328 24.50 1.98 1.40
CA LEU B 328 25.02 1.22 0.27
C LEU B 328 24.14 0.01 -0.02
N PHE B 329 23.68 -0.67 1.04
CA PHE B 329 22.81 -1.82 0.85
C PHE B 329 21.49 -1.44 0.19
N GLN B 330 20.74 -0.53 0.83
CA GLN B 330 19.40 -0.19 0.33
C GLN B 330 19.46 0.38 -1.08
N THR B 331 20.45 1.26 -1.35
CA THR B 331 20.58 1.82 -2.69
C THR B 331 20.87 0.73 -3.72
N ALA B 332 21.81 -0.17 -3.39
CA ALA B 332 22.10 -1.25 -4.32
C ALA B 332 20.88 -2.11 -4.58
N ARG B 333 20.05 -2.32 -3.55
CA ARG B 333 18.83 -3.11 -3.73
C ARG B 333 17.87 -2.40 -4.68
N LEU B 334 17.68 -1.10 -4.50
CA LEU B 334 16.82 -0.38 -5.43
C LEU B 334 17.36 -0.48 -6.85
N ILE B 335 18.69 -0.38 -7.01
CA ILE B 335 19.28 -0.50 -8.35
C ILE B 335 19.01 -1.89 -8.94
N LEU B 336 19.08 -2.93 -8.11
CA LEU B 336 18.80 -4.25 -8.68
C LEU B 336 17.32 -4.40 -9.01
N ILE B 337 16.43 -3.79 -8.23
CA ILE B 337 15.00 -3.82 -8.56
C ILE B 337 14.74 -3.13 -9.89
N GLY B 338 15.39 -1.99 -10.12
CA GLY B 338 15.22 -1.32 -11.40
C GLY B 338 15.79 -2.13 -12.54
N GLU B 339 17.01 -2.64 -12.38
CA GLU B 339 17.55 -3.50 -13.42
C GLU B 339 16.59 -4.64 -13.73
N THR B 340 15.98 -5.22 -12.70
CA THR B 340 15.11 -6.37 -12.90
C THR B 340 13.89 -5.99 -13.74
N ILE B 341 13.13 -4.97 -13.31
CA ILE B 341 11.95 -4.58 -14.09
C ILE B 341 12.33 -4.22 -15.52
N LYS B 342 13.45 -3.50 -15.69
CA LYS B 342 13.98 -3.17 -17.01
C LYS B 342 14.13 -4.41 -17.88
N ILE B 343 14.91 -5.39 -17.42
CA ILE B 343 15.17 -6.58 -18.22
C ILE B 343 13.87 -7.36 -18.46
N VAL B 344 13.03 -7.46 -17.44
CA VAL B 344 11.79 -8.23 -17.57
C VAL B 344 10.89 -7.62 -18.63
N ILE B 345 10.81 -6.28 -18.70
CA ILE B 345 9.93 -5.66 -19.69
C ILE B 345 10.56 -5.67 -21.08
N GLU B 346 11.81 -5.25 -21.20
CA GLU B 346 12.36 -5.06 -22.54
C GLU B 346 12.98 -6.32 -23.17
N GLU B 347 13.27 -7.36 -22.39
CA GLU B 347 13.81 -8.60 -22.95
C GLU B 347 12.96 -9.84 -22.68
N TYR B 348 12.51 -10.02 -21.44
CA TYR B 348 11.67 -11.15 -21.01
C TYR B 348 10.33 -11.13 -21.71
N VAL B 349 9.53 -10.11 -21.41
CA VAL B 349 8.21 -9.99 -22.04
C VAL B 349 8.34 -9.81 -23.53
N GLN B 350 9.45 -9.22 -23.99
CA GLN B 350 9.70 -9.12 -25.42
C GLN B 350 9.79 -10.51 -26.04
N GLN B 351 10.62 -11.37 -25.45
CA GLN B 351 10.72 -12.74 -25.96
C GLN B 351 9.38 -13.44 -25.92
N LEU B 352 8.63 -13.28 -24.83
CA LEU B 352 7.31 -13.90 -24.79
C LEU B 352 6.41 -13.40 -25.91
N SER B 353 6.45 -12.10 -26.21
CA SER B 353 5.43 -11.47 -27.06
C SER B 353 5.64 -11.77 -28.54
N GLY B 354 6.89 -11.82 -28.99
CA GLY B 354 7.07 -11.88 -30.41
C GLY B 354 6.67 -10.61 -31.13
N TYR B 355 6.39 -9.53 -30.39
CA TYR B 355 5.99 -8.28 -31.00
C TYR B 355 7.15 -7.60 -31.74
N PHE B 356 6.86 -7.09 -32.93
CA PHE B 356 7.81 -6.20 -33.59
C PHE B 356 7.93 -4.89 -32.86
N LEU B 357 6.86 -4.44 -32.21
CA LEU B 357 6.92 -3.28 -31.32
C LEU B 357 7.91 -3.57 -30.21
N GLN B 358 8.97 -2.78 -30.12
CA GLN B 358 9.93 -2.91 -29.03
C GLN B 358 9.34 -2.31 -27.77
N LEU B 359 8.99 -3.16 -26.81
CA LEU B 359 8.51 -2.71 -25.51
C LEU B 359 9.60 -1.86 -24.84
N LYS B 360 9.17 -1.00 -23.92
CA LYS B 360 10.07 0.00 -23.35
C LYS B 360 9.71 0.26 -21.90
N PHE B 361 10.70 0.19 -21.01
CA PHE B 361 10.48 0.48 -19.59
C PHE B 361 10.81 1.93 -19.30
N ASP B 362 9.78 2.77 -19.30
CA ASP B 362 9.92 4.18 -18.95
C ASP B 362 8.78 4.54 -18.00
N PRO B 363 9.01 4.54 -16.70
CA PRO B 363 7.91 4.85 -15.77
C PRO B 363 7.26 6.19 -16.03
N GLU B 364 7.98 7.14 -16.63
CA GLU B 364 7.43 8.46 -16.98
C GLU B 364 6.26 8.36 -17.96
N LEU B 365 6.14 7.25 -18.70
CA LEU B 365 5.00 7.07 -19.58
C LEU B 365 3.67 7.09 -18.84
N LEU B 366 3.68 6.79 -17.53
CA LEU B 366 2.45 6.77 -16.76
C LEU B 366 2.28 7.99 -15.89
N PHE B 367 3.20 8.95 -15.95
CA PHE B 367 3.05 10.15 -15.11
C PHE B 367 1.88 11.01 -15.58
N GLY B 368 1.32 10.75 -16.75
CA GLY B 368 0.13 11.48 -17.11
C GLY B 368 -1.15 10.76 -16.79
N ALA B 369 -1.08 9.59 -16.18
CA ALA B 369 -2.23 8.71 -16.03
C ALA B 369 -2.63 8.55 -14.57
N GLN B 370 -3.85 8.06 -14.38
CA GLN B 370 -4.36 7.68 -13.07
C GLN B 370 -3.95 6.24 -12.86
N PHE B 371 -2.90 6.05 -12.05
CA PHE B 371 -2.25 4.76 -11.91
C PHE B 371 -1.86 4.55 -10.46
N GLN B 372 -2.24 3.42 -9.88
CA GLN B 372 -1.94 3.14 -8.47
C GLN B 372 -0.63 2.36 -8.36
N TYR B 373 0.41 3.02 -7.83
CA TYR B 373 1.72 2.41 -7.67
C TYR B 373 1.69 1.45 -6.48
N ARG B 374 1.03 0.31 -6.70
CA ARG B 374 0.71 -0.63 -5.64
C ARG B 374 0.20 -1.94 -6.20
N ASN B 375 0.80 -3.08 -5.81
CA ASN B 375 0.40 -4.38 -6.34
C ASN B 375 0.17 -5.38 -5.21
N ARG B 376 -0.79 -6.27 -5.43
CA ARG B 376 -1.02 -7.42 -4.55
C ARG B 376 -1.43 -8.60 -5.41
N ILE B 377 -0.79 -9.75 -5.17
CA ILE B 377 -0.84 -10.89 -6.10
C ILE B 377 -2.10 -11.70 -5.92
N ALA B 378 -2.65 -12.14 -7.04
CA ALA B 378 -3.90 -12.89 -7.07
C ALA B 378 -3.63 -14.38 -7.21
N MET B 379 -4.65 -15.17 -6.81
CA MET B 379 -4.59 -16.61 -6.96
C MET B 379 -4.40 -16.98 -8.42
N GLU B 380 -5.25 -16.39 -9.26
CA GLU B 380 -5.28 -16.76 -10.67
C GLU B 380 -3.95 -16.45 -11.35
N PHE B 381 -3.09 -15.65 -10.73
CA PHE B 381 -1.87 -15.25 -11.42
C PHE B 381 -0.69 -16.17 -11.14
N ASN B 382 -0.63 -16.81 -9.98
CA ASN B 382 0.38 -17.86 -9.91
C ASN B 382 -0.17 -19.14 -10.54
N GLN B 383 -1.48 -19.39 -10.42
CA GLN B 383 -1.98 -20.59 -11.08
C GLN B 383 -1.81 -20.46 -12.59
N LEU B 384 -2.02 -19.26 -13.11
CA LEU B 384 -1.74 -18.96 -14.51
C LEU B 384 -0.27 -19.23 -14.86
N TYR B 385 0.63 -18.94 -13.93
CA TYR B 385 2.05 -18.84 -14.25
C TYR B 385 2.77 -20.17 -14.10
N HIS B 386 2.04 -21.26 -13.84
CA HIS B 386 2.68 -22.56 -13.77
C HIS B 386 3.06 -23.05 -15.16
N TRP B 387 4.27 -22.71 -15.59
CA TRP B 387 4.76 -22.92 -16.96
C TRP B 387 5.67 -24.12 -17.09
N HIS B 388 5.37 -25.20 -16.38
CA HIS B 388 6.27 -26.35 -16.36
C HIS B 388 6.57 -26.97 -17.72
N PRO B 389 5.71 -26.84 -18.75
CA PRO B 389 6.08 -27.37 -20.07
C PRO B 389 7.34 -26.74 -20.63
N LEU B 390 7.85 -25.65 -20.04
CA LEU B 390 9.09 -25.06 -20.53
C LEU B 390 10.29 -25.98 -20.29
N MET B 391 10.17 -26.95 -19.35
CA MET B 391 11.28 -27.81 -18.98
C MET B 391 11.42 -28.97 -19.98
N PRO B 392 12.65 -29.35 -20.31
CA PRO B 392 12.88 -30.31 -21.39
C PRO B 392 12.70 -31.74 -20.92
N ASP B 393 12.95 -32.68 -21.83
CA ASP B 393 13.04 -34.08 -21.42
C ASP B 393 14.29 -34.32 -20.58
N SER B 394 15.42 -33.75 -21.00
CA SER B 394 16.68 -33.85 -20.29
C SER B 394 17.31 -32.47 -20.21
N PHE B 395 18.43 -32.38 -19.47
CA PHE B 395 19.19 -31.14 -19.35
C PHE B 395 20.56 -31.33 -19.99
N ARG B 396 20.75 -30.75 -21.17
CA ARG B 396 21.99 -30.89 -21.94
C ARG B 396 22.98 -29.84 -21.49
N VAL B 397 24.18 -30.27 -21.09
CA VAL B 397 25.29 -29.36 -20.81
C VAL B 397 26.49 -29.84 -21.61
N GLY B 398 27.02 -28.97 -22.46
CA GLY B 398 28.12 -29.32 -23.33
C GLY B 398 27.77 -30.52 -24.17
N PRO B 399 28.73 -31.44 -24.32
CA PRO B 399 28.43 -32.68 -25.04
C PRO B 399 27.63 -33.69 -24.25
N GLN B 400 27.57 -33.57 -22.92
CA GLN B 400 26.89 -34.59 -22.12
C GLN B 400 25.49 -34.14 -21.72
N ASP B 401 24.76 -35.08 -21.12
CA ASP B 401 23.34 -34.96 -20.85
C ASP B 401 23.04 -35.47 -19.45
N TYR B 402 22.27 -34.69 -18.70
CA TYR B 402 21.87 -35.04 -17.33
C TYR B 402 20.36 -35.24 -17.29
N SER B 403 19.93 -36.40 -16.79
CA SER B 403 18.52 -36.65 -16.59
C SER B 403 18.02 -35.83 -15.40
N TYR B 404 16.71 -35.85 -15.17
CA TYR B 404 16.19 -35.12 -14.00
C TYR B 404 16.82 -35.62 -12.70
N GLU B 405 16.91 -36.93 -12.55
CA GLU B 405 17.47 -37.49 -11.32
C GLU B 405 18.91 -37.04 -11.13
N GLN B 406 19.65 -36.80 -12.22
CA GLN B 406 21.01 -36.30 -12.13
C GLN B 406 21.04 -34.78 -11.89
N PHE B 407 20.08 -34.05 -12.44
CA PHE B 407 20.04 -32.60 -12.44
C PHE B 407 19.38 -32.03 -11.19
N LEU B 408 18.20 -32.54 -10.83
CA LEU B 408 17.53 -32.08 -9.62
C LEU B 408 18.43 -32.31 -8.40
N PHE B 409 18.41 -31.35 -7.50
CA PHE B 409 19.07 -31.44 -6.21
C PHE B 409 20.59 -31.54 -6.33
N ASN B 410 21.16 -31.35 -7.51
CA ASN B 410 22.59 -31.57 -7.69
C ASN B 410 23.42 -30.42 -7.12
N THR B 411 24.27 -30.75 -6.14
CA THR B 411 25.01 -29.75 -5.38
C THR B 411 26.28 -29.29 -6.07
N SER B 412 26.83 -30.12 -6.95
CA SER B 412 28.18 -29.90 -7.46
C SER B 412 28.19 -29.29 -8.85
N MET B 413 27.15 -29.55 -9.65
CA MET B 413 27.17 -29.11 -11.04
C MET B 413 27.28 -27.60 -11.16
N LEU B 414 26.68 -26.86 -10.23
CA LEU B 414 26.76 -25.41 -10.35
C LEU B 414 28.19 -24.93 -10.27
N VAL B 415 29.00 -25.52 -9.40
CA VAL B 415 30.39 -25.08 -9.25
C VAL B 415 31.37 -25.85 -10.12
N ASP B 416 31.04 -27.07 -10.54
CA ASP B 416 31.90 -27.80 -11.47
C ASP B 416 32.09 -27.02 -12.77
N TYR B 417 30.99 -26.62 -13.40
CA TYR B 417 31.04 -25.77 -14.59
C TYR B 417 31.03 -24.31 -14.15
N GLY B 418 31.81 -23.48 -14.82
CA GLY B 418 31.70 -22.07 -14.57
C GLY B 418 30.28 -21.58 -14.79
N VAL B 419 29.92 -20.49 -14.10
CA VAL B 419 28.63 -19.86 -14.35
C VAL B 419 28.48 -19.55 -15.84
N GLU B 420 29.58 -19.16 -16.48
CA GLU B 420 29.61 -18.98 -17.93
C GLU B 420 29.10 -20.22 -18.63
N ALA B 421 29.72 -21.37 -18.34
CA ALA B 421 29.39 -22.60 -19.06
C ALA B 421 27.93 -23.00 -18.89
N LEU B 422 27.36 -22.73 -17.70
CA LEU B 422 25.95 -23.05 -17.47
C LEU B 422 25.03 -22.10 -18.22
N VAL B 423 25.37 -20.80 -18.25
CA VAL B 423 24.58 -19.87 -19.02
C VAL B 423 24.64 -20.25 -20.50
N ASP B 424 25.82 -20.65 -20.98
CA ASP B 424 25.94 -21.01 -22.39
C ASP B 424 25.14 -22.26 -22.71
N ALA B 425 25.17 -23.25 -21.82
CA ALA B 425 24.45 -24.48 -22.10
C ALA B 425 22.94 -24.28 -21.98
N PHE B 426 22.49 -23.44 -21.05
CA PHE B 426 21.07 -23.22 -20.88
C PHE B 426 20.50 -22.34 -22.00
N SER B 427 21.26 -21.33 -22.43
CA SER B 427 20.80 -20.43 -23.48
C SER B 427 20.84 -21.07 -24.86
N ARG B 428 21.39 -22.28 -24.97
CA ARG B 428 21.42 -22.96 -26.27
C ARG B 428 20.34 -24.03 -26.40
N GLN B 429 19.92 -24.65 -25.29
CA GLN B 429 18.95 -25.74 -25.33
C GLN B 429 17.52 -25.20 -25.40
N PRO B 430 16.72 -25.60 -26.38
CA PRO B 430 15.35 -25.10 -26.48
C PRO B 430 14.51 -25.46 -25.27
N ALA B 431 13.53 -24.61 -24.99
CA ALA B 431 12.53 -24.86 -23.97
C ALA B 431 11.24 -25.31 -24.63
N GLY B 432 10.36 -25.92 -23.82
CA GLY B 432 9.14 -26.49 -24.37
C GLY B 432 8.06 -25.45 -24.60
N ARG B 433 7.23 -25.70 -25.61
CA ARG B 433 6.06 -24.86 -25.82
C ARG B 433 5.12 -24.99 -24.62
N ILE B 434 4.44 -23.90 -24.27
CA ILE B 434 3.60 -23.92 -23.08
C ILE B 434 2.17 -24.32 -23.40
N GLY B 435 1.66 -23.92 -24.56
CA GLY B 435 0.28 -24.17 -24.92
C GLY B 435 0.13 -25.41 -25.77
N GLY B 436 -1.08 -25.59 -26.30
CA GLY B 436 -1.35 -26.79 -27.09
C GLY B 436 -1.74 -27.98 -26.27
N GLY B 437 -1.02 -28.24 -25.18
CA GLY B 437 -1.30 -29.38 -24.33
C GLY B 437 -0.34 -30.53 -24.60
N ARG B 438 -0.37 -31.48 -23.68
CA ARG B 438 0.46 -32.69 -23.75
C ARG B 438 1.94 -32.33 -23.91
N ASN B 439 2.41 -31.37 -23.10
CA ASN B 439 3.82 -31.03 -23.18
C ASN B 439 4.45 -30.83 -21.79
N ILE B 440 3.90 -31.34 -20.72
CA ILE B 440 4.59 -31.38 -19.43
C ILE B 440 5.31 -32.71 -19.35
N ASP B 441 6.54 -32.71 -18.91
CA ASP B 441 7.31 -33.92 -18.63
C ASP B 441 6.64 -34.72 -17.52
N HIS B 442 6.82 -36.05 -17.56
CA HIS B 442 6.16 -36.91 -16.58
C HIS B 442 6.71 -36.70 -15.17
N HIS B 443 7.97 -36.27 -15.05
CA HIS B 443 8.52 -36.04 -13.72
C HIS B 443 7.77 -34.90 -13.03
N ILE B 444 7.77 -33.71 -13.64
CA ILE B 444 7.15 -32.55 -13.02
C ILE B 444 5.63 -32.62 -13.05
N LEU B 445 5.06 -33.59 -13.75
CA LEU B 445 3.63 -33.58 -14.04
C LEU B 445 2.77 -33.43 -12.79
N HIS B 446 3.26 -33.94 -11.65
CA HIS B 446 2.45 -33.92 -10.43
C HIS B 446 2.07 -32.51 -10.01
N VAL B 447 2.96 -31.52 -10.22
CA VAL B 447 2.58 -30.16 -9.87
C VAL B 447 1.28 -29.81 -10.57
N ALA B 448 1.21 -30.05 -11.89
CA ALA B 448 0.03 -29.70 -12.66
C ALA B 448 -1.21 -30.42 -12.16
N VAL B 449 -1.05 -31.57 -11.50
CA VAL B 449 -2.21 -32.21 -10.91
C VAL B 449 -2.68 -31.41 -9.69
N ASP B 450 -1.74 -31.14 -8.78
CA ASP B 450 -2.10 -30.42 -7.56
C ASP B 450 -2.77 -29.10 -7.89
N VAL B 451 -2.25 -28.36 -8.86
CA VAL B 451 -2.85 -27.08 -9.21
C VAL B 451 -4.33 -27.26 -9.54
N ILE B 452 -4.66 -28.27 -10.34
CA ILE B 452 -6.07 -28.53 -10.62
C ILE B 452 -6.83 -28.70 -9.30
N LYS B 453 -6.38 -29.65 -8.47
CA LYS B 453 -7.03 -29.84 -7.17
C LYS B 453 -7.00 -28.55 -6.37
N GLU B 454 -5.87 -27.83 -6.39
CA GLU B 454 -5.80 -26.59 -5.62
C GLU B 454 -6.82 -25.58 -6.16
N SER B 455 -6.95 -25.50 -7.48
CA SER B 455 -8.02 -24.69 -8.06
C SER B 455 -9.34 -24.98 -7.36
N ARG B 456 -9.66 -26.28 -7.22
CA ARG B 456 -10.96 -26.68 -6.68
C ARG B 456 -11.10 -26.31 -5.21
N VAL B 457 -9.99 -26.30 -4.45
CA VAL B 457 -10.09 -25.86 -3.07
C VAL B 457 -10.18 -24.34 -3.04
N LEU B 458 -9.51 -23.64 -3.96
CA LEU B 458 -9.66 -22.20 -4.02
C LEU B 458 -10.98 -21.80 -4.66
N ARG B 459 -11.70 -22.74 -5.26
CA ARG B 459 -13.04 -22.50 -5.79
C ARG B 459 -13.05 -21.44 -6.89
N LEU B 460 -12.07 -21.50 -7.79
CA LEU B 460 -12.04 -20.59 -8.92
C LEU B 460 -13.29 -20.79 -9.79
N GLN B 461 -13.67 -19.75 -10.53
CA GLN B 461 -14.86 -19.83 -11.38
C GLN B 461 -14.52 -20.60 -12.64
N PRO B 462 -15.50 -20.82 -13.52
CA PRO B 462 -15.23 -21.49 -14.79
C PRO B 462 -14.32 -20.68 -15.71
N PHE B 463 -13.66 -21.41 -16.61
CA PHE B 463 -12.73 -20.80 -17.54
C PHE B 463 -13.40 -19.68 -18.33
N ASN B 464 -14.62 -19.92 -18.82
CA ASN B 464 -15.31 -18.90 -19.61
C ASN B 464 -15.63 -17.65 -18.78
N GLU B 465 -15.64 -17.74 -17.45
CA GLU B 465 -15.95 -16.54 -16.69
C GLU B 465 -14.75 -15.62 -16.59
N TYR B 466 -13.56 -16.17 -16.28
CA TYR B 466 -12.34 -15.38 -16.38
C TYR B 466 -12.14 -14.89 -17.82
N ARG B 467 -12.32 -15.81 -18.77
CA ARG B 467 -12.35 -15.49 -20.19
C ARG B 467 -13.16 -14.22 -20.45
N LYS B 468 -14.36 -14.13 -19.85
CA LYS B 468 -15.19 -12.93 -20.00
C LYS B 468 -14.57 -11.73 -19.28
N ARG B 469 -14.06 -11.92 -18.07
CA ARG B 469 -13.63 -10.75 -17.32
C ARG B 469 -12.39 -10.11 -17.89
N PHE B 470 -11.59 -10.84 -18.66
CA PHE B 470 -10.42 -10.24 -19.31
C PHE B 470 -10.69 -9.79 -20.75
N GLY B 471 -11.93 -9.40 -21.06
CA GLY B 471 -12.26 -8.76 -22.33
C GLY B 471 -12.42 -9.68 -23.51
N MET B 472 -12.70 -10.95 -23.28
CA MET B 472 -12.84 -11.90 -24.37
C MET B 472 -14.17 -12.56 -24.33
N LYS B 473 -14.46 -13.36 -25.33
CA LYS B 473 -15.75 -14.02 -25.38
C LYS B 473 -15.62 -15.46 -24.93
N PRO B 474 -16.60 -15.98 -24.19
CA PRO B 474 -16.52 -17.37 -23.75
C PRO B 474 -16.59 -18.31 -24.94
N TYR B 475 -15.80 -19.39 -24.89
CA TYR B 475 -15.91 -20.43 -25.90
C TYR B 475 -17.29 -21.09 -25.84
N THR B 476 -17.80 -21.46 -27.03
CA THR B 476 -19.09 -22.10 -27.16
C THR B 476 -19.01 -23.61 -27.27
N SER B 477 -17.82 -24.15 -27.52
CA SER B 477 -17.62 -25.58 -27.67
C SER B 477 -16.17 -25.91 -27.30
N PHE B 478 -15.94 -27.16 -26.93
CA PHE B 478 -14.58 -27.59 -26.64
C PHE B 478 -13.74 -27.58 -27.90
N GLN B 479 -14.33 -28.00 -29.03
CA GLN B 479 -13.57 -28.02 -30.28
C GLN B 479 -13.17 -26.62 -30.72
N GLU B 480 -13.97 -25.60 -30.37
CA GLU B 480 -13.54 -24.22 -30.58
C GLU B 480 -12.36 -23.86 -29.70
N LEU B 481 -12.29 -24.43 -28.49
CA LEU B 481 -11.17 -24.22 -27.58
C LEU B 481 -9.88 -24.81 -28.13
N THR B 482 -9.87 -26.14 -28.37
CA THR B 482 -8.61 -26.82 -28.71
C THR B 482 -8.22 -26.64 -30.17
N GLY B 483 -9.17 -26.32 -31.05
CA GLY B 483 -8.90 -26.27 -32.47
C GLY B 483 -8.70 -27.61 -33.12
N GLU B 484 -9.24 -28.67 -32.52
CA GLU B 484 -9.13 -30.02 -33.06
C GLU B 484 -10.39 -30.78 -32.67
N LYS B 485 -10.39 -32.10 -32.84
CA LYS B 485 -11.61 -32.86 -32.62
C LYS B 485 -11.48 -33.97 -31.60
N GLU B 486 -10.27 -34.51 -31.37
CA GLU B 486 -10.11 -35.65 -30.46
C GLU B 486 -10.15 -35.22 -29.00
N MET B 487 -9.17 -34.41 -28.57
CA MET B 487 -9.22 -33.91 -27.21
C MET B 487 -10.53 -33.18 -26.95
N ALA B 488 -11.10 -32.52 -27.97
CA ALA B 488 -12.35 -31.79 -27.78
C ALA B 488 -13.50 -32.74 -27.42
N ALA B 489 -13.64 -33.82 -28.19
CA ALA B 489 -14.68 -34.79 -27.88
C ALA B 489 -14.50 -35.35 -26.49
N GLU B 490 -13.28 -35.75 -26.14
CA GLU B 490 -13.09 -36.30 -24.79
C GLU B 490 -13.33 -35.27 -23.70
N LEU B 491 -12.90 -34.03 -23.92
CA LEU B 491 -13.17 -32.99 -22.92
C LEU B 491 -14.66 -32.80 -22.71
N GLU B 492 -15.45 -32.83 -23.80
CA GLU B 492 -16.89 -32.79 -23.59
C GLU B 492 -17.39 -34.03 -22.86
N GLU B 493 -16.75 -35.19 -23.09
CA GLU B 493 -17.19 -36.41 -22.41
C GLU B 493 -16.90 -36.34 -20.90
N LEU B 494 -15.83 -35.63 -20.50
CA LEU B 494 -15.44 -35.51 -19.11
C LEU B 494 -16.20 -34.38 -18.39
N TYR B 495 -16.14 -33.16 -18.92
CA TYR B 495 -16.73 -32.00 -18.24
C TYR B 495 -18.23 -31.91 -18.43
N GLY B 496 -18.73 -32.19 -19.64
CA GLY B 496 -20.15 -32.17 -19.95
C GLY B 496 -20.62 -30.89 -20.61
N ASP B 497 -20.01 -29.76 -20.28
CA ASP B 497 -20.33 -28.48 -20.88
C ASP B 497 -19.08 -27.60 -20.84
N ILE B 498 -18.87 -26.82 -21.89
CA ILE B 498 -17.70 -25.95 -21.95
C ILE B 498 -17.73 -24.90 -20.83
N ASP B 499 -18.93 -24.49 -20.40
CA ASP B 499 -19.03 -23.48 -19.34
C ASP B 499 -18.55 -23.99 -17.99
N ALA B 500 -18.25 -25.29 -17.88
CA ALA B 500 -17.69 -25.89 -16.66
C ALA B 500 -16.20 -26.18 -16.78
N LEU B 501 -15.59 -25.93 -17.89
CA LEU B 501 -14.20 -26.22 -17.98
C LEU B 501 -13.43 -25.39 -17.00
N GLU B 502 -12.32 -25.86 -16.52
CA GLU B 502 -11.59 -25.27 -15.40
C GLU B 502 -10.55 -24.26 -15.88
N PHE B 503 -10.05 -23.45 -14.93
CA PHE B 503 -9.14 -22.36 -15.30
C PHE B 503 -7.82 -22.91 -15.83
N TYR B 504 -7.08 -23.64 -15.00
CA TYR B 504 -5.76 -24.11 -15.43
C TYR B 504 -5.86 -25.05 -16.61
N PRO B 505 -6.66 -26.11 -16.57
CA PRO B 505 -6.74 -27.04 -17.71
C PRO B 505 -7.07 -26.34 -19.02
N GLY B 506 -8.17 -25.60 -19.08
CA GLY B 506 -8.54 -24.92 -20.31
C GLY B 506 -7.51 -23.91 -20.75
N LEU B 507 -6.82 -23.30 -19.80
CA LEU B 507 -5.80 -22.33 -20.16
C LEU B 507 -4.64 -23.03 -20.87
N LEU B 508 -4.32 -24.27 -20.47
CA LEU B 508 -3.23 -25.03 -21.07
C LEU B 508 -3.62 -25.86 -22.29
N LEU B 509 -4.91 -26.15 -22.47
CA LEU B 509 -5.40 -26.89 -23.62
C LEU B 509 -5.84 -26.00 -24.76
N GLU B 510 -5.87 -24.69 -24.52
CA GLU B 510 -6.27 -23.77 -25.56
C GLU B 510 -5.32 -23.90 -26.75
N LYS B 511 -5.86 -23.67 -27.94
CA LYS B 511 -5.02 -23.63 -29.13
C LYS B 511 -4.08 -22.42 -29.07
N CYS B 512 -2.80 -22.65 -29.35
CA CYS B 512 -1.86 -21.54 -29.44
C CYS B 512 -2.15 -20.68 -30.67
N HIS B 513 -1.71 -19.43 -30.60
CA HIS B 513 -1.65 -18.62 -31.81
C HIS B 513 -0.66 -19.26 -32.80
N PRO B 514 -0.79 -18.94 -34.08
CA PRO B 514 0.07 -19.57 -35.08
C PRO B 514 1.53 -19.22 -34.84
N ASN B 515 2.32 -20.24 -34.53
CA ASN B 515 3.76 -20.10 -34.32
C ASN B 515 4.10 -19.33 -33.07
N SER B 516 3.20 -19.29 -32.09
CA SER B 516 3.44 -18.60 -30.83
C SER B 516 3.58 -19.61 -29.68
N ILE B 517 4.04 -19.10 -28.54
CA ILE B 517 4.36 -19.99 -27.42
C ILE B 517 3.14 -20.44 -26.64
N PHE B 518 1.99 -19.77 -26.79
CA PHE B 518 0.73 -20.21 -26.20
C PHE B 518 -0.41 -19.38 -26.77
N GLY B 519 -1.64 -19.78 -26.43
CA GLY B 519 -2.83 -19.23 -27.03
C GLY B 519 -3.14 -17.84 -26.53
N GLU B 520 -4.37 -17.39 -26.81
CA GLU B 520 -4.67 -16.00 -26.48
C GLU B 520 -4.98 -15.79 -25.00
N SER B 521 -5.62 -16.76 -24.33
CA SER B 521 -6.06 -16.53 -22.95
C SER B 521 -4.89 -16.27 -22.02
N MET B 522 -3.79 -17.00 -22.20
CA MET B 522 -2.58 -16.73 -21.43
C MET B 522 -2.08 -15.31 -21.70
N ILE B 523 -2.22 -14.83 -22.94
CA ILE B 523 -1.80 -13.46 -23.25
C ILE B 523 -2.65 -12.46 -22.49
N GLU B 524 -3.96 -12.46 -22.77
CA GLU B 524 -4.89 -11.42 -22.31
C GLU B 524 -5.16 -11.49 -20.82
N MET B 525 -4.86 -12.62 -20.20
CA MET B 525 -4.97 -12.74 -18.75
C MET B 525 -3.65 -12.42 -18.08
N GLY B 526 -2.56 -13.06 -18.51
CA GLY B 526 -1.29 -12.86 -17.82
C GLY B 526 -0.71 -11.47 -18.00
N ALA B 527 -0.94 -10.85 -19.16
CA ALA B 527 -0.34 -9.55 -19.44
C ALA B 527 -0.78 -8.50 -18.43
N PRO B 528 -2.07 -8.33 -18.15
CA PRO B 528 -2.46 -7.37 -17.09
C PRO B 528 -1.76 -7.61 -15.77
N PHE B 529 -1.68 -8.86 -15.29
CA PHE B 529 -1.01 -9.10 -14.01
C PHE B 529 0.48 -8.76 -14.09
N SER B 530 1.14 -9.15 -15.18
CA SER B 530 2.57 -8.92 -15.31
C SER B 530 2.90 -7.43 -15.39
N LEU B 531 2.14 -6.67 -16.18
CA LEU B 531 2.48 -5.26 -16.30
C LEU B 531 2.08 -4.48 -15.07
N LYS B 532 0.89 -4.77 -14.52
CA LYS B 532 0.47 -4.13 -13.27
C LYS B 532 1.46 -4.42 -12.15
N GLY B 533 2.08 -5.60 -12.16
CA GLY B 533 3.05 -5.92 -11.14
C GLY B 533 4.41 -5.30 -11.41
N LEU B 534 4.77 -5.13 -12.68
CA LEU B 534 6.06 -4.55 -13.00
C LEU B 534 6.10 -3.04 -12.82
N LEU B 535 5.01 -2.32 -13.12
CA LEU B 535 5.03 -0.88 -12.99
C LEU B 535 4.35 -0.37 -11.73
N GLY B 536 3.61 -1.23 -11.03
CA GLY B 536 3.10 -0.88 -9.71
C GLY B 536 4.16 -0.76 -8.64
N ASN B 537 5.40 -1.15 -8.93
CA ASN B 537 6.50 -0.99 -7.97
C ASN B 537 6.71 0.48 -7.65
N PRO B 538 6.86 0.85 -6.37
CA PRO B 538 7.00 2.28 -6.04
C PRO B 538 8.25 2.94 -6.62
N ILE B 539 9.25 2.18 -7.09
CA ILE B 539 10.39 2.87 -7.72
C ILE B 539 9.96 3.52 -9.02
N CYS B 540 8.90 2.98 -9.65
CA CYS B 540 8.31 3.56 -10.86
C CYS B 540 7.46 4.80 -10.56
N SER B 541 7.15 5.05 -9.29
CA SER B 541 6.35 6.19 -8.93
C SER B 541 7.08 7.47 -9.28
N PRO B 542 6.35 8.58 -9.40
CA PRO B 542 7.01 9.88 -9.56
C PRO B 542 7.84 10.24 -8.34
N GLU B 543 7.46 9.76 -7.16
CA GLU B 543 8.18 10.14 -5.94
C GLU B 543 9.56 9.48 -5.89
N TYR B 544 9.66 8.20 -6.26
CA TYR B 544 10.94 7.49 -6.18
C TYR B 544 11.81 7.63 -7.42
N TRP B 545 11.20 7.81 -8.60
CA TRP B 545 11.91 7.72 -9.87
C TRP B 545 12.78 8.95 -10.15
N LYS B 546 13.87 9.07 -9.40
CA LYS B 546 14.82 10.18 -9.46
C LYS B 546 16.22 9.63 -9.43
N ALA B 547 17.18 10.43 -9.88
CA ALA B 547 18.56 9.98 -9.79
C ALA B 547 19.05 9.89 -8.35
N SER B 548 18.44 10.62 -7.42
CA SER B 548 18.89 10.56 -6.03
C SER B 548 18.56 9.20 -5.41
N THR B 549 17.40 8.63 -5.77
CA THR B 549 17.00 7.35 -5.20
C THR B 549 18.00 6.25 -5.46
N PHE B 550 18.80 6.37 -6.52
CA PHE B 550 19.74 5.34 -6.96
C PHE B 550 21.18 5.83 -6.83
N GLY B 551 21.44 6.65 -5.82
CA GLY B 551 22.80 7.09 -5.50
C GLY B 551 23.44 7.93 -6.57
N GLY B 552 22.65 8.74 -7.26
CA GLY B 552 23.15 9.63 -8.27
C GLY B 552 22.93 9.09 -9.66
N GLU B 553 23.77 9.57 -10.56
CA GLU B 553 23.55 9.31 -11.98
C GLU B 553 24.11 7.97 -12.41
N VAL B 554 25.20 7.49 -11.81
CA VAL B 554 25.81 6.24 -12.29
C VAL B 554 24.88 5.06 -12.05
N GLY B 555 24.22 5.03 -10.88
CA GLY B 555 23.27 3.96 -10.62
C GLY B 555 21.96 4.14 -11.36
N PHE B 556 21.53 5.37 -11.57
CA PHE B 556 20.29 5.61 -12.29
C PHE B 556 20.43 5.18 -13.76
N ASN B 557 21.53 5.57 -14.41
CA ASN B 557 21.81 5.05 -15.75
C ASN B 557 22.13 3.56 -15.72
N LEU B 558 22.63 3.07 -14.59
CA LEU B 558 22.85 1.62 -14.47
C LEU B 558 21.53 0.86 -14.49
N VAL B 559 20.44 1.48 -14.04
CA VAL B 559 19.10 0.90 -14.17
C VAL B 559 18.56 1.10 -15.58
N LYS B 560 18.84 2.26 -16.18
CA LYS B 560 18.28 2.53 -17.50
C LYS B 560 18.94 1.70 -18.60
N THR B 561 20.20 1.30 -18.43
CA THR B 561 20.93 0.59 -19.47
C THR B 561 21.10 -0.90 -19.18
N ALA B 562 20.38 -1.44 -18.21
CA ALA B 562 20.56 -2.83 -17.83
C ALA B 562 20.12 -3.77 -18.94
N THR B 563 20.90 -4.82 -19.16
CA THR B 563 20.54 -5.87 -20.10
C THR B 563 20.94 -7.21 -19.50
N LEU B 564 20.40 -8.30 -20.08
CA LEU B 564 20.77 -9.62 -19.59
C LEU B 564 22.24 -9.89 -19.82
N LYS B 565 22.74 -9.53 -21.00
CA LYS B 565 24.17 -9.70 -21.31
C LYS B 565 25.05 -8.90 -20.35
N LYS B 566 24.66 -7.66 -20.05
CA LYS B 566 25.40 -6.90 -19.05
C LYS B 566 25.35 -7.60 -17.69
N LEU B 567 24.23 -8.25 -17.36
CA LEU B 567 24.07 -8.83 -16.03
C LEU B 567 24.99 -10.02 -15.83
N VAL B 568 25.05 -10.92 -16.80
CA VAL B 568 25.94 -12.08 -16.66
C VAL B 568 27.38 -11.69 -16.96
N CYS B 569 27.61 -10.90 -18.01
CA CYS B 569 28.98 -10.66 -18.46
C CYS B 569 29.75 -9.71 -17.54
N LEU B 570 29.08 -8.70 -16.99
CA LEU B 570 29.81 -7.77 -16.12
C LEU B 570 30.26 -8.44 -14.84
N ASN B 571 29.69 -9.60 -14.50
CA ASN B 571 30.03 -10.33 -13.29
C ASN B 571 30.76 -11.64 -13.63
N THR B 572 31.60 -11.61 -14.67
CA THR B 572 32.14 -12.84 -15.23
C THR B 572 33.52 -12.60 -15.85
N LYS B 573 34.27 -13.69 -15.98
CA LYS B 573 35.58 -13.61 -16.62
C LYS B 573 35.47 -13.66 -18.14
N THR B 574 34.40 -14.24 -18.69
CA THR B 574 34.18 -14.28 -20.13
C THR B 574 32.68 -14.27 -20.44
N CYS B 575 32.36 -13.97 -21.70
CA CYS B 575 30.97 -13.93 -22.15
C CYS B 575 30.56 -15.23 -22.83
N PRO B 576 29.67 -16.01 -22.24
CA PRO B 576 29.06 -17.12 -22.96
C PRO B 576 27.93 -16.59 -23.84
N TYR B 577 27.23 -17.51 -24.48
CA TYR B 577 26.02 -17.13 -25.19
C TYR B 577 24.93 -16.95 -24.15
N VAL B 578 24.49 -15.71 -23.97
CA VAL B 578 23.44 -15.39 -23.02
C VAL B 578 22.29 -14.72 -23.76
N SER B 579 21.11 -15.32 -23.68
CA SER B 579 19.94 -14.82 -24.40
C SER B 579 18.73 -15.61 -23.95
N PHE B 580 17.57 -14.98 -24.06
CA PHE B 580 16.30 -15.67 -23.84
C PHE B 580 15.87 -16.50 -25.04
N HIS B 581 16.68 -16.51 -26.10
CA HIS B 581 16.38 -17.32 -27.27
C HIS B 581 17.65 -18.02 -27.72
N VAL B 582 17.46 -19.18 -28.35
CA VAL B 582 18.55 -20.00 -28.87
C VAL B 582 19.22 -19.26 -30.02
N PRO B 583 20.38 -19.69 -30.46
CA PRO B 583 21.06 -19.03 -31.60
C PRO B 583 20.46 -19.42 -32.95
N ASP B 584 19.15 -19.22 -33.10
CA ASP B 584 18.46 -19.66 -34.30
C ASP B 584 19.07 -19.04 -35.56
#